data_6N1F
#
_entry.id   6N1F
#
_cell.length_a   47.030
_cell.length_b   54.990
_cell.length_c   112.100
_cell.angle_alpha   77.660
_cell.angle_beta   87.030
_cell.angle_gamma   64.730
#
_symmetry.space_group_name_H-M   'P 1'
#
loop_
_entity.id
_entity.type
_entity.pdbx_description
1 polymer 'Oxidoreductase, 2OG-Fe(II) oxygenase family'
2 non-polymer 'FE (III) ION'
3 non-polymer 'CHLORIDE ION'
4 water water
#
_entity_poly.entity_id   1
_entity_poly.type   'polypeptide(L)'
_entity_poly.pdbx_seq_one_letter_code
;(MSE)AHHHHHH(MSE)GTLEAQTQGPGS(MSE)ETAELHFRCNEGG(MSE)ADYAAQLREVGTV(MSE)LPAYVAFDAH
ELARIDALQARLPEEPVTAGDAGDTHDIYVRRI(MSE)VDRAGERPQLVNLPHSETILNLLGDARRTRFFGD(MSE)FGT
RAEYFIRRCQINR(MSE)LKDSFIG(MSE)HLDAASNPDYEFSVVIQLGRAFDGGEFVVHPQGRPPNVFAPAYGTVIVTS
CAHRHEVRTVRANERTSLVYFYSRHNGANRRAA
;
_entity_poly.pdbx_strand_id   A,B,C,D
#
# COMPACT_ATOMS: atom_id res chain seq x y z
N THR A 24 13.92 -22.52 -35.89
CA THR A 24 13.24 -23.34 -36.89
C THR A 24 11.74 -23.10 -36.83
N ALA A 25 11.25 -22.69 -35.65
CA ALA A 25 9.83 -22.42 -35.43
C ALA A 25 9.67 -21.14 -34.62
N GLU A 26 8.72 -20.32 -35.01
CA GLU A 26 8.45 -19.09 -34.28
C GLU A 26 6.94 -18.91 -34.16
N LEU A 27 6.51 -18.45 -32.98
CA LEU A 27 5.09 -18.31 -32.69
C LEU A 27 4.66 -16.88 -33.06
N HIS A 28 3.81 -16.75 -34.08
CA HIS A 28 3.34 -15.44 -34.51
C HIS A 28 2.01 -15.14 -33.84
N PHE A 29 1.86 -13.91 -33.34
CA PHE A 29 0.68 -13.48 -32.61
C PHE A 29 -0.02 -12.40 -33.41
N ARG A 30 -1.35 -12.46 -33.44
CA ARG A 30 -2.17 -11.36 -33.92
C ARG A 30 -2.56 -10.51 -32.70
N CYS A 31 -3.28 -9.40 -32.93
CA CYS A 31 -3.81 -8.63 -31.81
C CYS A 31 -4.80 -9.46 -31.01
N ASN A 32 -4.74 -9.31 -29.68
CA ASN A 32 -5.70 -10.00 -28.82
C ASN A 32 -7.08 -9.39 -29.02
N GLU A 33 -8.07 -10.22 -29.36
CA GLU A 33 -9.40 -9.74 -29.73
C GLU A 33 -10.40 -9.84 -28.59
N GLY A 34 -9.94 -10.02 -27.36
CA GLY A 34 -10.80 -10.19 -26.21
C GLY A 34 -10.90 -8.92 -25.40
N GLY A 35 -10.95 -9.08 -24.08
CA GLY A 35 -11.05 -7.95 -23.17
C GLY A 35 -9.96 -7.94 -22.13
N ALA A 37 -9.62 -9.20 -19.11
CA ALA A 37 -9.28 -10.52 -18.58
C ALA A 37 -8.35 -11.26 -19.53
N ASP A 38 -8.59 -11.13 -20.84
CA ASP A 38 -7.74 -11.78 -21.84
C ASP A 38 -6.39 -11.09 -21.96
N TYR A 39 -6.39 -9.75 -22.01
CA TYR A 39 -5.12 -9.03 -22.11
C TYR A 39 -4.18 -9.40 -20.96
N ALA A 40 -4.67 -9.34 -19.71
CA ALA A 40 -3.80 -9.60 -18.57
C ALA A 40 -3.35 -11.06 -18.53
N ALA A 41 -4.23 -11.98 -18.94
CA ALA A 41 -3.86 -13.41 -18.93
C ALA A 41 -2.77 -13.70 -19.95
N GLN A 42 -2.82 -13.08 -21.13
CA GLN A 42 -1.76 -13.31 -22.11
C GLN A 42 -0.45 -12.73 -21.64
N LEU A 43 -0.50 -11.52 -21.07
CA LEU A 43 0.69 -10.93 -20.48
C LEU A 43 1.26 -11.84 -19.40
N ARG A 44 0.37 -12.42 -18.60
CA ARG A 44 0.78 -13.37 -17.55
C ARG A 44 1.41 -14.63 -18.14
N GLU A 45 0.73 -15.29 -19.07
CA GLU A 45 1.20 -16.60 -19.52
C GLU A 45 2.29 -16.49 -20.57
N VAL A 46 2.07 -15.63 -21.56
CA VAL A 46 3.00 -15.45 -22.67
C VAL A 46 4.12 -14.49 -22.30
N GLY A 47 3.80 -13.41 -21.58
CA GLY A 47 4.78 -12.40 -21.27
C GLY A 47 4.70 -11.17 -22.14
N THR A 48 3.86 -11.19 -23.17
CA THR A 48 3.71 -10.12 -24.14
C THR A 48 2.30 -10.19 -24.70
N VAL A 49 1.69 -9.03 -24.93
CA VAL A 49 0.37 -8.96 -25.56
C VAL A 49 0.33 -7.73 -26.45
N LEU A 51 -2.29 -5.10 -28.26
CA LEU A 51 -3.69 -4.67 -28.23
C LEU A 51 -4.07 -4.05 -29.57
N PRO A 52 -5.30 -4.24 -30.06
CA PRO A 52 -5.66 -3.67 -31.36
C PRO A 52 -5.97 -2.19 -31.24
N ALA A 53 -5.81 -1.49 -32.34
CA ALA A 53 -6.28 -0.11 -32.43
C ALA A 53 -7.81 -0.11 -32.40
N TYR A 54 -8.44 0.73 -31.56
CA TYR A 54 -7.82 1.72 -30.71
C TYR A 54 -8.28 1.53 -29.27
N VAL A 55 -8.00 0.38 -28.70
CA VAL A 55 -8.47 0.04 -27.35
C VAL A 55 -7.82 0.95 -26.31
N ALA A 56 -6.49 0.96 -26.25
CA ALA A 56 -5.83 1.66 -25.14
C ALA A 56 -5.81 3.17 -25.34
N PHE A 57 -5.59 3.63 -26.58
CA PHE A 57 -5.55 5.05 -26.91
C PHE A 57 -6.43 5.28 -28.11
N ASP A 58 -7.35 6.22 -28.00
CA ASP A 58 -8.28 6.49 -29.09
C ASP A 58 -7.52 7.06 -30.28
N ALA A 59 -8.14 7.01 -31.45
CA ALA A 59 -7.43 7.45 -32.65
C ALA A 59 -7.14 8.95 -32.58
N HIS A 60 -8.11 9.75 -32.13
CA HIS A 60 -7.85 11.18 -32.08
C HIS A 60 -6.76 11.50 -31.05
N GLU A 61 -6.61 10.66 -30.02
CA GLU A 61 -5.54 10.85 -29.04
C GLU A 61 -4.18 10.53 -29.64
N LEU A 62 -4.10 9.45 -30.43
CA LEU A 62 -2.84 9.16 -31.11
C LEU A 62 -2.51 10.25 -32.11
N ALA A 63 -3.52 10.76 -32.81
CA ALA A 63 -3.30 11.90 -33.69
C ALA A 63 -2.68 13.08 -32.93
N ARG A 64 -3.18 13.37 -31.73
CA ARG A 64 -2.60 14.45 -30.94
C ARG A 64 -1.16 14.15 -30.58
N ILE A 65 -0.91 12.96 -30.03
CA ILE A 65 0.46 12.57 -29.67
C ILE A 65 1.39 12.74 -30.86
N ASP A 66 0.93 12.34 -32.04
CA ASP A 66 1.76 12.44 -33.24
C ASP A 66 2.10 13.90 -33.56
N ALA A 67 1.11 14.80 -33.49
CA ALA A 67 1.39 16.22 -33.73
C ALA A 67 2.35 16.77 -32.68
N LEU A 68 2.20 16.33 -31.44
CA LEU A 68 3.03 16.87 -30.37
C LEU A 68 4.48 16.38 -30.46
N GLN A 69 4.68 15.08 -30.72
CA GLN A 69 6.05 14.57 -30.74
C GLN A 69 6.86 15.17 -31.88
N ALA A 70 6.21 15.51 -32.99
CA ALA A 70 6.90 16.17 -34.09
C ALA A 70 7.64 17.44 -33.63
N ARG A 71 7.04 18.18 -32.69
CA ARG A 71 7.62 19.42 -32.19
C ARG A 71 8.87 19.20 -31.35
N LEU A 72 9.17 17.96 -30.98
CA LEU A 72 10.28 17.66 -30.08
C LEU A 72 11.61 17.67 -30.82
N PRO A 73 12.72 17.92 -30.11
CA PRO A 73 14.03 17.80 -30.73
C PRO A 73 14.44 16.34 -30.94
N GLU A 74 15.05 16.09 -32.09
CA GLU A 74 15.44 14.76 -32.52
C GLU A 74 16.95 14.63 -32.45
N GLU A 75 17.43 13.48 -31.98
CA GLU A 75 18.86 13.20 -31.92
C GLU A 75 19.13 11.80 -32.45
N PRO A 76 20.27 11.61 -33.11
CA PRO A 76 20.58 10.28 -33.65
C PRO A 76 21.07 9.33 -32.57
N VAL A 77 20.73 8.06 -32.73
CA VAL A 77 21.13 7.02 -31.80
C VAL A 77 21.41 5.70 -32.56
N HIS A 86 23.89 6.33 -38.58
CA HIS A 86 22.69 7.01 -38.09
C HIS A 86 21.43 6.52 -38.78
N ASP A 87 20.76 5.50 -38.24
CA ASP A 87 19.51 5.05 -38.82
C ASP A 87 18.35 4.97 -37.83
N ILE A 88 18.56 5.39 -36.59
CA ILE A 88 17.48 5.54 -35.61
C ILE A 88 17.58 6.93 -35.01
N TYR A 89 16.47 7.66 -35.00
CA TYR A 89 16.39 9.00 -34.44
C TYR A 89 15.40 9.00 -33.28
N VAL A 90 15.81 9.57 -32.15
CA VAL A 90 15.11 9.45 -30.88
C VAL A 90 14.68 10.84 -30.41
N ARG A 91 13.41 10.96 -30.03
CA ARG A 91 12.86 12.18 -29.42
C ARG A 91 12.52 11.87 -27.97
N ARG A 92 13.32 12.36 -27.05
CA ARG A 92 13.16 12.00 -25.65
C ARG A 92 12.04 12.81 -25.01
N ILE A 93 11.24 12.12 -24.20
CA ILE A 93 10.22 12.73 -23.37
C ILE A 93 10.60 12.68 -21.91
N VAL A 95 13.83 10.92 -19.33
CA VAL A 95 15.09 10.20 -19.24
C VAL A 95 15.23 9.60 -17.84
N ASP A 96 16.06 8.54 -17.75
CA ASP A 96 16.19 7.75 -16.52
C ASP A 96 17.63 7.23 -16.39
N ARG A 97 18.57 8.14 -16.15
CA ARG A 97 20.00 7.80 -16.18
C ARG A 97 20.43 6.99 -14.97
N ALA A 98 21.48 6.18 -15.18
CA ALA A 98 22.00 5.31 -14.13
C ALA A 98 22.37 6.12 -12.90
N GLY A 99 21.87 5.69 -11.74
CA GLY A 99 22.08 6.39 -10.51
C GLY A 99 21.19 7.57 -10.26
N GLU A 100 20.29 7.90 -11.19
CA GLU A 100 19.48 9.10 -11.10
C GLU A 100 18.01 8.76 -11.05
N ARG A 101 17.22 9.72 -10.63
CA ARG A 101 15.77 9.60 -10.64
C ARG A 101 15.22 10.05 -11.99
N PRO A 102 14.01 9.62 -12.35
CA PRO A 102 13.45 9.99 -13.67
C PRO A 102 13.27 11.49 -13.79
N GLN A 103 13.56 12.02 -14.98
CA GLN A 103 13.52 13.45 -15.23
C GLN A 103 12.72 13.76 -16.48
N LEU A 104 11.79 14.70 -16.38
CA LEU A 104 11.15 15.26 -17.56
C LEU A 104 12.15 16.08 -18.36
N VAL A 105 12.08 15.96 -19.68
CA VAL A 105 12.96 16.70 -20.59
C VAL A 105 12.15 17.15 -21.79
N ASN A 106 12.70 18.15 -22.50
CA ASN A 106 12.07 18.70 -23.71
C ASN A 106 10.70 19.30 -23.43
N LEU A 107 10.57 19.98 -22.29
CA LEU A 107 9.33 20.69 -21.98
C LEU A 107 9.03 21.75 -23.05
N PRO A 108 7.77 22.15 -23.21
CA PRO A 108 6.56 21.75 -22.47
C PRO A 108 5.78 20.60 -23.10
N HIS A 109 6.04 20.30 -24.38
CA HIS A 109 5.19 19.34 -25.08
C HIS A 109 5.39 17.92 -24.55
N SER A 110 6.57 17.62 -24.01
CA SER A 110 6.79 16.32 -23.38
C SER A 110 5.74 16.06 -22.29
N GLU A 111 5.48 17.06 -21.44
CA GLU A 111 4.56 16.88 -20.33
C GLU A 111 3.14 16.64 -20.81
N THR A 112 2.75 17.33 -21.90
CA THR A 112 1.43 17.12 -22.45
C THR A 112 1.25 15.68 -22.90
N ILE A 113 2.25 15.12 -23.58
CA ILE A 113 2.18 13.73 -23.99
C ILE A 113 2.09 12.83 -22.77
N LEU A 114 3.01 13.05 -21.82
CA LEU A 114 3.04 12.27 -20.59
C LEU A 114 1.72 12.36 -19.82
N ASN A 115 1.05 13.53 -19.85
CA ASN A 115 -0.23 13.68 -19.16
C ASN A 115 -1.26 12.68 -19.67
N LEU A 116 -1.29 12.46 -20.99
CA LEU A 116 -2.18 11.46 -21.55
C LEU A 116 -1.79 10.07 -21.09
N LEU A 117 -0.49 9.76 -21.15
CA LEU A 117 -0.04 8.41 -20.79
C LEU A 117 -0.38 8.10 -19.34
N GLY A 118 -0.38 9.11 -18.48
CA GLY A 118 -0.60 8.87 -17.07
C GLY A 118 -1.93 9.35 -16.56
N ASP A 119 -2.90 9.57 -17.44
CA ASP A 119 -4.16 10.07 -16.94
C ASP A 119 -4.93 8.93 -16.27
N ALA A 120 -6.07 9.27 -15.66
CA ALA A 120 -6.81 8.30 -14.86
C ALA A 120 -7.24 7.10 -15.69
N ARG A 121 -7.71 7.34 -16.92
CA ARG A 121 -8.10 6.24 -17.79
C ARG A 121 -6.94 5.27 -18.02
N ARG A 122 -5.76 5.78 -18.32
CA ARG A 122 -4.63 4.88 -18.57
C ARG A 122 -4.12 4.24 -17.30
N THR A 123 -4.15 4.96 -16.18
CA THR A 123 -3.69 4.41 -14.91
C THR A 123 -4.56 3.24 -14.47
N ARG A 124 -5.88 3.38 -14.58
CA ARG A 124 -6.76 2.24 -14.30
C ARG A 124 -6.52 1.11 -15.28
N PHE A 125 -6.37 1.45 -16.57
CA PHE A 125 -6.25 0.43 -17.63
C PHE A 125 -5.00 -0.42 -17.43
N PHE A 126 -3.86 0.20 -17.16
CA PHE A 126 -2.67 -0.61 -16.94
C PHE A 126 -2.59 -1.17 -15.54
N GLY A 127 -3.27 -0.55 -14.57
CA GLY A 127 -3.38 -1.17 -13.26
C GLY A 127 -4.06 -2.52 -13.31
N ASP A 128 -5.19 -2.59 -14.03
CA ASP A 128 -5.83 -3.89 -14.23
C ASP A 128 -4.95 -4.82 -15.05
N PHE A 130 -1.73 -5.03 -15.30
CA PHE A 130 -0.65 -5.58 -14.50
C PHE A 130 -1.16 -6.45 -13.38
N GLY A 131 -2.44 -6.32 -13.01
CA GLY A 131 -3.00 -7.15 -11.97
C GLY A 131 -2.49 -6.87 -10.56
N THR A 132 -2.28 -5.60 -10.23
CA THR A 132 -1.87 -5.23 -8.87
C THR A 132 -2.52 -3.91 -8.49
N ARG A 133 -2.64 -3.70 -7.18
CA ARG A 133 -3.12 -2.42 -6.68
C ARG A 133 -1.97 -1.43 -6.53
N ALA A 134 -0.73 -1.89 -6.64
CA ALA A 134 0.41 -1.04 -6.36
C ALA A 134 0.52 0.09 -7.37
N GLU A 135 1.06 1.20 -6.90
CA GLU A 135 1.25 2.37 -7.75
C GLU A 135 2.43 2.16 -8.69
N TYR A 136 2.21 2.39 -9.97
CA TYR A 136 3.27 2.32 -10.96
C TYR A 136 3.61 3.72 -11.46
N PHE A 137 4.87 3.89 -11.83
CA PHE A 137 5.42 5.15 -12.31
C PHE A 137 5.98 4.96 -13.71
N ILE A 138 5.77 5.95 -14.56
CA ILE A 138 6.42 5.97 -15.86
C ILE A 138 7.82 6.58 -15.66
N ARG A 139 8.86 5.76 -15.81
CA ARG A 139 10.21 6.21 -15.53
C ARG A 139 10.95 6.70 -16.76
N ARG A 140 10.60 6.23 -17.94
CA ARG A 140 11.33 6.56 -19.15
C ARG A 140 10.34 6.53 -20.29
N CYS A 141 10.54 7.41 -21.26
CA CYS A 141 9.58 7.57 -22.36
C CYS A 141 10.25 8.30 -23.51
N GLN A 142 10.13 7.75 -24.71
CA GLN A 142 10.76 8.35 -25.89
C GLN A 142 10.09 7.85 -27.16
N ILE A 143 10.26 8.61 -28.23
CA ILE A 143 9.80 8.24 -29.57
C ILE A 143 11.02 7.74 -30.33
N ASN A 144 10.94 6.51 -30.86
CA ASN A 144 11.99 5.93 -31.67
C ASN A 144 11.56 5.94 -33.13
N ARG A 145 12.33 6.61 -33.97
CA ARG A 145 12.04 6.68 -35.40
C ARG A 145 13.09 5.85 -36.15
N LEU A 147 14.63 3.96 -39.34
CA LEU A 147 14.67 4.07 -40.79
C LEU A 147 14.93 2.70 -41.41
N LYS A 148 14.81 2.65 -42.75
CA LYS A 148 15.02 1.41 -43.47
C LYS A 148 16.38 0.81 -43.15
N ASP A 149 16.39 -0.48 -42.86
CA ASP A 149 17.57 -1.31 -42.57
C ASP A 149 18.07 -1.11 -41.14
N SER A 150 17.40 -0.30 -40.33
CA SER A 150 17.71 -0.27 -38.91
C SER A 150 17.11 -1.51 -38.22
N PHE A 151 17.61 -1.78 -37.02
CA PHE A 151 17.11 -2.86 -36.17
C PHE A 151 17.52 -2.55 -34.74
N ILE A 152 16.93 -3.29 -33.81
CA ILE A 152 17.34 -3.29 -32.41
C ILE A 152 17.78 -4.70 -32.07
N GLY A 153 19.08 -4.89 -31.93
CA GLY A 153 19.60 -6.20 -31.58
C GLY A 153 19.13 -6.64 -30.20
N HIS A 155 18.49 -7.67 -26.47
CA HIS A 155 18.88 -6.99 -25.23
C HIS A 155 17.82 -7.22 -24.15
N LEU A 156 18.14 -6.74 -22.95
CA LEU A 156 17.24 -6.76 -21.79
C LEU A 156 17.04 -5.34 -21.31
N ASP A 157 15.78 -4.91 -21.25
CA ASP A 157 15.47 -3.58 -20.73
C ASP A 157 15.94 -3.42 -19.29
N ALA A 158 15.86 -4.50 -18.51
CA ALA A 158 16.34 -4.47 -17.14
C ALA A 158 17.80 -4.03 -17.03
N ALA A 159 18.58 -4.14 -18.11
CA ALA A 159 19.97 -3.71 -18.06
C ALA A 159 20.10 -2.20 -17.89
N SER A 160 19.15 -1.43 -18.43
CA SER A 160 19.16 0.01 -18.21
C SER A 160 18.73 0.35 -16.79
N ASN A 161 17.80 -0.41 -16.24
CA ASN A 161 17.27 -0.18 -14.90
C ASN A 161 16.67 -1.48 -14.39
N PRO A 162 17.25 -2.09 -13.37
CA PRO A 162 16.75 -3.40 -12.90
C PRO A 162 15.34 -3.36 -12.33
N ASP A 163 14.75 -2.19 -12.15
CA ASP A 163 13.41 -2.07 -11.57
C ASP A 163 12.32 -1.88 -12.61
N TYR A 164 12.66 -1.86 -13.90
CA TYR A 164 11.62 -1.82 -14.92
C TYR A 164 10.86 -3.14 -14.92
N GLU A 165 9.54 -3.08 -14.75
CA GLU A 165 8.72 -4.29 -14.77
C GLU A 165 8.00 -4.51 -16.09
N PHE A 166 7.55 -3.45 -16.72
CA PHE A 166 6.78 -3.57 -17.95
C PHE A 166 7.22 -2.47 -18.88
N SER A 167 7.06 -2.75 -20.16
CA SER A 167 7.31 -1.83 -21.24
C SER A 167 6.02 -1.68 -22.03
N VAL A 168 5.74 -0.48 -22.51
CA VAL A 168 4.58 -0.20 -23.34
C VAL A 168 5.07 0.48 -24.62
N VAL A 169 4.54 0.04 -25.76
CA VAL A 169 4.97 0.54 -27.06
C VAL A 169 3.74 0.82 -27.90
N ILE A 170 3.60 2.07 -28.32
CA ILE A 170 2.50 2.51 -29.15
C ILE A 170 3.03 2.70 -30.56
N GLN A 171 2.40 2.07 -31.54
CA GLN A 171 2.89 2.13 -32.91
C GLN A 171 2.28 3.33 -33.60
N LEU A 172 3.13 4.28 -33.97
CA LEU A 172 2.72 5.46 -34.69
C LEU A 172 3.11 5.40 -36.15
N GLY A 173 3.72 4.31 -36.58
CA GLY A 173 4.20 4.23 -37.94
C GLY A 173 3.06 3.88 -38.88
N ARG A 174 2.82 4.75 -39.87
CA ARG A 174 1.66 4.58 -40.74
C ARG A 174 1.76 3.31 -41.59
N ALA A 175 2.94 3.03 -42.14
CA ALA A 175 3.08 1.88 -43.03
C ALA A 175 4.56 1.56 -43.19
N PHE A 176 4.91 0.30 -42.92
CA PHE A 176 6.28 -0.15 -43.09
C PHE A 176 6.28 -1.67 -43.25
N ASP A 177 7.40 -2.20 -43.73
CA ASP A 177 7.65 -3.63 -43.82
C ASP A 177 8.70 -4.04 -42.78
N GLY A 178 8.70 -5.33 -42.46
CA GLY A 178 9.62 -5.82 -41.44
C GLY A 178 9.33 -5.18 -40.09
N GLY A 179 10.40 -4.97 -39.32
CA GLY A 179 10.26 -4.29 -38.04
C GLY A 179 9.47 -5.03 -36.98
N GLU A 180 9.49 -6.36 -37.01
CA GLU A 180 8.75 -7.11 -36.00
C GLU A 180 9.40 -6.97 -34.63
N PHE A 181 8.56 -6.85 -33.61
CA PHE A 181 8.99 -6.91 -32.24
C PHE A 181 9.02 -8.39 -31.83
N VAL A 182 10.22 -8.90 -31.51
CA VAL A 182 10.40 -10.32 -31.21
C VAL A 182 10.91 -10.48 -29.80
N VAL A 183 10.19 -11.31 -29.02
CA VAL A 183 10.55 -11.68 -27.65
C VAL A 183 11.11 -13.09 -27.65
N HIS A 184 12.17 -13.32 -26.89
CA HIS A 184 12.88 -14.58 -26.80
C HIS A 184 12.87 -15.12 -25.37
N PRO A 185 11.73 -15.61 -24.89
CA PRO A 185 11.70 -16.19 -23.54
C PRO A 185 12.56 -17.45 -23.48
N GLN A 186 13.21 -17.63 -22.33
CA GLN A 186 14.09 -18.78 -22.14
C GLN A 186 13.33 -20.07 -22.38
N GLY A 187 13.89 -20.93 -23.22
CA GLY A 187 13.34 -22.25 -23.45
C GLY A 187 11.96 -22.27 -24.08
N ARG A 188 11.73 -21.38 -25.04
CA ARG A 188 10.46 -21.32 -25.76
C ARG A 188 10.76 -20.81 -27.16
N PRO A 189 9.87 -21.06 -28.12
CA PRO A 189 10.01 -20.40 -29.41
C PRO A 189 9.96 -18.90 -29.25
N PRO A 190 10.62 -18.15 -30.13
CA PRO A 190 10.42 -16.71 -30.16
C PRO A 190 8.97 -16.35 -30.42
N ASN A 191 8.51 -15.27 -29.79
CA ASN A 191 7.17 -14.70 -30.00
C ASN A 191 7.27 -13.48 -30.89
N VAL A 192 6.65 -13.54 -32.07
CA VAL A 192 6.80 -12.52 -33.10
C VAL A 192 5.53 -11.68 -33.17
N PHE A 193 5.70 -10.35 -33.11
CA PHE A 193 4.58 -9.40 -33.16
C PHE A 193 4.85 -8.42 -34.26
N ALA A 194 3.96 -8.37 -35.26
CA ALA A 194 3.97 -7.39 -36.33
C ALA A 194 2.99 -6.28 -35.99
N PRO A 195 3.42 -5.09 -35.69
CA PRO A 195 2.48 -4.09 -35.19
C PRO A 195 2.00 -3.18 -36.31
N ALA A 196 0.78 -2.71 -36.21
CA ALA A 196 0.24 -1.74 -37.15
C ALA A 196 -0.01 -0.43 -36.42
N TYR A 197 -0.34 0.59 -37.20
CA TYR A 197 -0.65 1.88 -36.61
C TYR A 197 -1.70 1.73 -35.53
N GLY A 198 -1.48 2.37 -34.39
CA GLY A 198 -2.48 2.34 -33.36
C GLY A 198 -2.46 1.14 -32.45
N THR A 199 -1.72 0.08 -32.80
CA THR A 199 -1.58 -1.02 -31.86
C THR A 199 -0.61 -0.65 -30.75
N VAL A 200 -0.72 -1.40 -29.65
CA VAL A 200 0.05 -1.16 -28.43
C VAL A 200 0.53 -2.51 -27.94
N ILE A 201 1.83 -2.63 -27.72
CA ILE A 201 2.43 -3.86 -27.19
C ILE A 201 2.75 -3.60 -25.73
N VAL A 202 2.39 -4.55 -24.86
CA VAL A 202 2.75 -4.52 -23.46
C VAL A 202 3.57 -5.78 -23.21
N THR A 203 4.75 -5.61 -22.61
CA THR A 203 5.60 -6.77 -22.44
C THR A 203 6.35 -6.69 -21.12
N SER A 204 6.59 -7.86 -20.52
CA SER A 204 7.37 -7.95 -19.31
CA SER A 204 7.37 -7.96 -19.31
C SER A 204 8.86 -7.83 -19.63
N CYS A 205 9.56 -7.02 -18.83
CA CYS A 205 10.98 -6.76 -19.05
C CYS A 205 11.87 -7.93 -18.63
N ALA A 206 11.27 -9.06 -18.27
CA ALA A 206 12.01 -10.26 -17.88
C ALA A 206 12.58 -11.02 -19.06
N HIS A 207 12.12 -10.74 -20.29
CA HIS A 207 12.52 -11.50 -21.46
C HIS A 207 13.35 -10.64 -22.38
N ARG A 208 14.42 -11.24 -22.91
CA ARG A 208 15.16 -10.62 -23.99
C ARG A 208 14.23 -10.36 -25.17
N HIS A 209 14.47 -9.26 -25.88
CA HIS A 209 13.63 -8.92 -27.03
C HIS A 209 14.41 -8.05 -28.02
N GLU A 210 13.82 -7.87 -29.20
CA GLU A 210 14.51 -7.21 -30.30
C GLU A 210 13.48 -6.75 -31.31
N VAL A 211 13.89 -5.80 -32.14
CA VAL A 211 13.12 -5.38 -33.29
C VAL A 211 13.90 -5.80 -34.54
N ARG A 212 13.26 -6.56 -35.42
CA ARG A 212 13.95 -7.03 -36.60
C ARG A 212 13.98 -5.95 -37.67
N THR A 213 14.82 -6.20 -38.68
CA THR A 213 15.18 -5.20 -39.67
C THR A 213 13.96 -4.51 -40.25
N VAL A 214 14.01 -3.19 -40.32
CA VAL A 214 12.98 -2.41 -40.98
C VAL A 214 13.22 -2.51 -42.47
N ARG A 215 12.20 -2.95 -43.22
CA ARG A 215 12.38 -3.28 -44.61
C ARG A 215 11.82 -2.23 -45.56
N ALA A 216 11.02 -1.29 -45.08
CA ALA A 216 10.57 -0.22 -45.95
C ALA A 216 10.18 1.00 -45.13
N ASN A 217 10.19 2.15 -45.80
CA ASN A 217 9.96 3.48 -45.25
C ASN A 217 10.57 3.67 -43.87
N GLU A 218 9.74 3.73 -42.83
CA GLU A 218 10.22 4.03 -41.49
C GLU A 218 9.20 3.52 -40.48
N ARG A 219 9.67 3.28 -39.27
CA ARG A 219 8.85 2.71 -38.20
C ARG A 219 9.01 3.61 -36.98
N THR A 220 7.89 4.14 -36.50
CA THR A 220 7.87 5.13 -35.43
C THR A 220 7.03 4.62 -34.27
N SER A 221 7.59 4.64 -33.08
CA SER A 221 6.90 4.06 -31.94
C SER A 221 7.17 4.88 -30.69
N LEU A 222 6.14 5.04 -29.85
CA LEU A 222 6.29 5.63 -28.52
C LEU A 222 6.55 4.50 -27.52
N VAL A 223 7.67 4.58 -26.81
CA VAL A 223 8.11 3.54 -25.90
C VAL A 223 8.20 4.11 -24.50
N TYR A 224 7.64 3.42 -23.51
CA TYR A 224 7.83 3.87 -22.14
C TYR A 224 7.88 2.68 -21.19
N PHE A 225 8.37 2.96 -19.99
CA PHE A 225 8.74 1.92 -19.03
C PHE A 225 8.11 2.19 -17.67
N TYR A 226 7.57 1.15 -17.07
CA TYR A 226 6.84 1.21 -15.82
C TYR A 226 7.64 0.52 -14.71
N SER A 227 7.72 1.17 -13.55
CA SER A 227 8.33 0.61 -12.36
C SER A 227 7.49 1.02 -11.16
N ARG A 228 7.49 0.18 -10.12
CA ARG A 228 6.94 0.58 -8.83
C ARG A 228 7.92 1.43 -8.04
N HIS A 229 9.18 1.47 -8.43
CA HIS A 229 10.18 2.28 -7.76
C HIS A 229 10.25 3.64 -8.42
N ASN A 230 10.12 4.70 -7.63
CA ASN A 230 10.30 6.04 -8.14
C ASN A 230 11.57 6.70 -7.61
N GLY A 231 12.37 5.99 -6.83
CA GLY A 231 13.66 6.51 -6.42
C GLY A 231 14.67 6.44 -7.55
N ALA A 232 15.93 6.59 -7.19
CA ALA A 232 16.98 6.64 -8.20
C ALA A 232 17.15 5.28 -8.87
N ASN A 233 17.60 5.32 -10.12
CA ASN A 233 17.91 4.13 -10.88
C ASN A 233 19.02 3.35 -10.19
N ARG A 234 18.71 2.16 -9.67
CA ARG A 234 19.75 1.42 -8.97
C ARG A 234 20.79 0.81 -9.91
N ARG A 235 20.78 1.06 -11.21
CA ARG A 235 21.90 0.66 -12.05
C ARG A 235 23.09 1.58 -11.77
N ALA A 236 24.23 0.99 -11.46
CA ALA A 236 25.40 1.77 -11.09
C ALA A 236 25.84 2.67 -12.24
N ALA A 237 26.11 3.93 -11.91
CA ALA A 237 26.59 4.90 -12.89
C ALA A 237 28.11 4.80 -13.05
N THR B 24 -36.55 20.93 -8.15
CA THR B 24 -35.95 21.50 -6.95
C THR B 24 -34.43 21.54 -7.07
N ALA B 25 -33.84 20.36 -7.26
CA ALA B 25 -32.41 20.22 -7.46
C ALA B 25 -32.17 18.98 -8.30
N GLU B 26 -31.31 19.11 -9.30
CA GLU B 26 -30.96 17.99 -10.18
C GLU B 26 -29.46 17.79 -10.15
N LEU B 27 -29.05 16.51 -10.22
CA LEU B 27 -27.65 16.11 -10.22
C LEU B 27 -27.19 15.98 -11.67
N HIS B 28 -26.24 16.82 -12.08
CA HIS B 28 -25.72 16.80 -13.44
C HIS B 28 -24.39 16.08 -13.47
N PHE B 29 -24.26 15.06 -14.33
CA PHE B 29 -23.04 14.28 -14.48
C PHE B 29 -22.35 14.59 -15.80
N ARG B 30 -21.02 14.56 -15.78
CA ARG B 30 -20.22 14.56 -16.98
C ARG B 30 -19.83 13.11 -17.29
N CYS B 31 -19.06 12.92 -18.37
CA CYS B 31 -18.47 11.60 -18.60
C CYS B 31 -17.53 11.21 -17.47
N ASN B 32 -17.58 9.93 -17.12
CA ASN B 32 -16.65 9.37 -16.15
C ASN B 32 -15.26 9.30 -16.78
N GLU B 33 -14.27 9.93 -16.13
CA GLU B 33 -12.93 10.01 -16.70
C GLU B 33 -11.99 8.94 -16.18
N GLY B 34 -12.51 7.95 -15.46
CA GLY B 34 -11.68 6.94 -14.84
C GLY B 34 -11.53 5.70 -15.71
N GLY B 35 -11.44 4.54 -15.06
CA GLY B 35 -11.39 3.27 -15.77
C GLY B 35 -12.54 2.36 -15.40
N ALA B 37 -13.12 0.02 -13.13
CA ALA B 37 -13.57 -0.02 -11.74
C ALA B 37 -14.41 1.20 -11.40
N ASP B 38 -14.07 2.36 -11.99
CA ASP B 38 -14.87 3.55 -11.80
C ASP B 38 -16.18 3.47 -12.57
N TYR B 39 -16.14 2.95 -13.80
CA TYR B 39 -17.37 2.76 -14.55
C TYR B 39 -18.33 1.88 -13.78
N ALA B 40 -17.86 0.71 -13.36
CA ALA B 40 -18.76 -0.24 -12.71
C ALA B 40 -19.25 0.28 -11.36
N ALA B 41 -18.40 1.00 -10.62
CA ALA B 41 -18.82 1.57 -9.34
C ALA B 41 -19.86 2.67 -9.54
N GLN B 42 -19.72 3.51 -10.57
CA GLN B 42 -20.76 4.52 -10.76
C GLN B 42 -22.08 3.88 -11.15
N LEU B 43 -22.04 2.88 -12.04
CA LEU B 43 -23.25 2.19 -12.44
C LEU B 43 -23.93 1.55 -11.25
N ARG B 44 -23.12 0.98 -10.35
CA ARG B 44 -23.62 0.28 -9.17
C ARG B 44 -24.29 1.23 -8.19
N GLU B 45 -23.72 2.42 -8.02
CA GLU B 45 -24.11 3.38 -6.99
C GLU B 45 -25.15 4.37 -7.48
N VAL B 46 -24.94 4.95 -8.66
CA VAL B 46 -25.86 5.93 -9.21
C VAL B 46 -26.94 5.26 -10.02
N GLY B 47 -26.62 4.15 -10.66
CA GLY B 47 -27.55 3.48 -11.51
C GLY B 47 -27.45 3.88 -12.95
N THR B 48 -26.54 4.81 -13.26
CA THR B 48 -26.28 5.29 -14.60
C THR B 48 -24.82 5.74 -14.67
N VAL B 49 -24.15 5.47 -15.80
CA VAL B 49 -22.81 5.97 -16.05
C VAL B 49 -22.74 6.41 -17.51
N LEU B 51 -20.07 6.93 -20.52
CA LEU B 51 -18.70 6.69 -20.94
C LEU B 51 -18.29 7.69 -22.02
N PRO B 52 -17.10 8.25 -21.94
CA PRO B 52 -16.65 9.19 -22.96
C PRO B 52 -16.34 8.49 -24.27
N ALA B 53 -16.35 9.29 -25.34
CA ALA B 53 -15.82 8.83 -26.61
C ALA B 53 -14.29 8.75 -26.49
N TYR B 54 -13.68 7.68 -27.00
CA TYR B 54 -14.30 6.55 -27.66
C TYR B 54 -13.89 5.25 -26.96
N VAL B 55 -14.21 5.16 -25.66
CA VAL B 55 -13.77 4.03 -24.85
C VAL B 55 -14.45 2.74 -25.28
N ALA B 56 -15.78 2.74 -25.36
CA ALA B 56 -16.48 1.48 -25.54
C ALA B 56 -16.49 1.07 -26.99
N PHE B 57 -16.60 2.04 -27.90
CA PHE B 57 -16.61 1.79 -29.33
C PHE B 57 -15.71 2.82 -29.97
N ASP B 58 -14.86 2.38 -30.89
CA ASP B 58 -13.92 3.32 -31.47
C ASP B 58 -14.60 4.18 -32.52
N ALA B 59 -14.00 5.33 -32.80
CA ALA B 59 -14.58 6.26 -33.76
C ALA B 59 -14.85 5.58 -35.11
N HIS B 60 -13.89 4.83 -35.64
CA HIS B 60 -14.16 4.22 -36.95
C HIS B 60 -15.29 3.19 -36.86
N GLU B 61 -15.44 2.57 -35.69
CA GLU B 61 -16.53 1.62 -35.50
C GLU B 61 -17.88 2.33 -35.56
N LEU B 62 -18.02 3.42 -34.82
CA LEU B 62 -19.29 4.16 -34.82
C LEU B 62 -19.58 4.69 -36.21
N ALA B 63 -18.54 5.09 -36.93
CA ALA B 63 -18.77 5.57 -38.28
C ALA B 63 -19.34 4.46 -39.15
N ARG B 64 -18.85 3.24 -38.96
CA ARG B 64 -19.37 2.09 -39.68
C ARG B 64 -20.78 1.75 -39.22
N ILE B 65 -21.03 1.77 -37.91
CA ILE B 65 -22.39 1.55 -37.43
C ILE B 65 -23.33 2.63 -37.95
N ASP B 66 -22.89 3.89 -37.91
CA ASP B 66 -23.70 4.98 -38.43
C ASP B 66 -24.03 4.78 -39.91
N ALA B 67 -23.06 4.29 -40.68
CA ALA B 67 -23.32 4.06 -42.09
C ALA B 67 -24.25 2.87 -42.32
N LEU B 68 -24.05 1.77 -41.58
CA LEU B 68 -24.91 0.60 -41.74
C LEU B 68 -26.36 0.89 -41.38
N GLN B 69 -26.58 1.53 -40.22
CA GLN B 69 -27.96 1.79 -39.77
C GLN B 69 -28.73 2.67 -40.74
N ALA B 70 -28.04 3.55 -41.48
CA ALA B 70 -28.75 4.43 -42.41
C ALA B 70 -29.38 3.67 -43.56
N ARG B 71 -28.91 2.45 -43.84
CA ARG B 71 -29.47 1.57 -44.85
C ARG B 71 -30.66 0.77 -44.35
N LEU B 72 -31.03 0.91 -43.07
CA LEU B 72 -32.18 0.20 -42.52
C LEU B 72 -33.48 0.94 -42.84
N PRO B 73 -34.56 0.22 -43.13
CA PRO B 73 -35.87 0.86 -43.26
C PRO B 73 -36.30 1.51 -41.95
N GLU B 74 -36.94 2.67 -42.08
CA GLU B 74 -37.32 3.51 -40.95
C GLU B 74 -38.84 3.53 -40.79
N GLU B 75 -39.30 3.66 -39.55
CA GLU B 75 -40.76 3.71 -39.32
C GLU B 75 -41.10 4.78 -38.28
N PRO B 76 -42.20 5.48 -38.47
CA PRO B 76 -42.62 6.47 -37.47
C PRO B 76 -43.18 5.77 -36.24
N VAL B 77 -42.81 6.26 -35.07
CA VAL B 77 -43.27 5.73 -33.79
C VAL B 77 -43.75 6.90 -32.94
N THR B 78 -44.97 6.81 -32.45
CA THR B 78 -45.49 7.85 -31.58
C THR B 78 -44.71 7.86 -30.26
N ALA B 79 -44.42 9.06 -29.76
CA ALA B 79 -43.68 9.21 -28.52
C ALA B 79 -44.20 10.43 -27.77
N GLY B 80 -43.63 10.67 -26.60
CA GLY B 80 -44.04 11.81 -25.78
C GLY B 80 -45.18 11.52 -24.83
N THR B 85 -47.64 14.60 -27.53
CA THR B 85 -47.40 13.49 -28.43
C THR B 85 -46.65 13.96 -29.68
N HIS B 86 -45.60 13.24 -30.05
CA HIS B 86 -44.78 13.62 -31.19
C HIS B 86 -44.26 12.37 -31.88
N ASP B 87 -43.83 12.54 -33.13
CA ASP B 87 -43.30 11.44 -33.92
C ASP B 87 -41.78 11.39 -33.80
N ILE B 88 -41.26 10.21 -33.49
CA ILE B 88 -39.84 9.92 -33.64
C ILE B 88 -39.75 8.75 -34.63
N TYR B 89 -38.56 8.54 -35.17
CA TYR B 89 -38.37 7.65 -36.31
C TYR B 89 -37.38 6.56 -35.94
N VAL B 90 -37.82 5.30 -36.03
CA VAL B 90 -37.12 4.18 -35.43
C VAL B 90 -36.67 3.21 -36.53
N ARG B 91 -35.44 2.74 -36.42
CA ARG B 91 -34.90 1.69 -37.29
C ARG B 91 -34.60 0.49 -36.40
N ARG B 92 -35.31 -0.61 -36.62
CA ARG B 92 -35.22 -1.78 -35.75
C ARG B 92 -34.12 -2.72 -36.20
N ILE B 93 -33.33 -3.19 -35.24
CA ILE B 93 -32.29 -4.17 -35.47
C ILE B 93 -32.64 -5.50 -34.83
N VAL B 95 -35.96 -7.16 -32.26
CA VAL B 95 -37.21 -6.98 -31.53
C VAL B 95 -37.37 -8.10 -30.49
N ASP B 96 -38.26 -7.85 -29.54
CA ASP B 96 -38.41 -8.66 -28.34
C ASP B 96 -39.88 -8.61 -27.92
N ARG B 97 -40.75 -9.16 -28.78
CA ARG B 97 -42.18 -9.07 -28.55
C ARG B 97 -42.59 -9.96 -27.38
N ALA B 98 -43.75 -9.64 -26.79
CA ALA B 98 -44.21 -10.36 -25.61
C ALA B 98 -44.45 -11.83 -25.93
N GLY B 99 -43.99 -12.71 -25.03
CA GLY B 99 -44.10 -14.13 -25.24
C GLY B 99 -43.24 -14.69 -26.35
N GLU B 100 -42.38 -13.89 -26.98
CA GLU B 100 -41.48 -14.34 -28.03
C GLU B 100 -40.04 -14.28 -27.58
N ARG B 101 -39.19 -15.00 -28.30
CA ARG B 101 -37.76 -14.87 -28.16
C ARG B 101 -37.26 -13.68 -28.97
N PRO B 102 -36.12 -13.10 -28.59
CA PRO B 102 -35.54 -12.02 -29.39
C PRO B 102 -35.25 -12.52 -30.79
N GLN B 103 -35.48 -11.65 -31.78
CA GLN B 103 -35.18 -12.02 -33.15
C GLN B 103 -34.63 -10.81 -33.88
N LEU B 104 -33.58 -11.03 -34.67
CA LEU B 104 -33.10 -10.01 -35.59
C LEU B 104 -34.17 -9.72 -36.63
N VAL B 105 -34.24 -8.46 -37.03
CA VAL B 105 -35.09 -7.99 -38.12
C VAL B 105 -34.21 -7.15 -39.03
N ASN B 106 -34.69 -6.92 -40.25
CA ASN B 106 -33.98 -6.09 -41.24
C ASN B 106 -32.59 -6.62 -41.58
N LEU B 107 -32.46 -7.94 -41.72
CA LEU B 107 -31.25 -8.50 -42.31
C LEU B 107 -31.03 -7.87 -43.69
N PRO B 108 -29.78 -7.80 -44.16
CA PRO B 108 -28.53 -8.28 -43.54
C PRO B 108 -27.82 -7.29 -42.62
N HIS B 109 -28.03 -5.98 -42.81
CA HIS B 109 -27.19 -4.99 -42.14
C HIS B 109 -27.42 -4.96 -40.65
N SER B 110 -28.59 -5.40 -40.19
CA SER B 110 -28.83 -5.45 -38.75
C SER B 110 -27.88 -6.43 -38.09
N GLU B 111 -27.61 -7.56 -38.75
CA GLU B 111 -26.69 -8.54 -38.15
C GLU B 111 -25.28 -8.00 -38.10
N THR B 112 -24.85 -7.25 -39.13
CA THR B 112 -23.52 -6.65 -39.09
C THR B 112 -23.37 -5.73 -37.87
N ILE B 113 -24.38 -4.91 -37.59
CA ILE B 113 -24.33 -4.06 -36.40
C ILE B 113 -24.32 -4.91 -35.14
N LEU B 114 -25.22 -5.90 -35.07
CA LEU B 114 -25.29 -6.76 -33.89
C LEU B 114 -23.97 -7.47 -33.62
N ASN B 115 -23.27 -7.88 -34.68
CA ASN B 115 -21.99 -8.58 -34.51
C ASN B 115 -20.97 -7.73 -33.77
N LEU B 116 -20.97 -6.42 -34.02
CA LEU B 116 -20.06 -5.49 -33.34
C LEU B 116 -20.47 -5.29 -31.87
N LEU B 117 -21.76 -5.12 -31.61
CA LEU B 117 -22.23 -4.97 -30.24
C LEU B 117 -21.98 -6.23 -29.43
N GLY B 118 -21.94 -7.39 -30.08
CA GLY B 118 -21.76 -8.64 -29.39
C GLY B 118 -20.41 -9.32 -29.52
N ASP B 119 -19.39 -8.66 -30.06
CA ASP B 119 -18.14 -9.34 -30.27
C ASP B 119 -17.41 -9.52 -28.95
N ALA B 120 -16.26 -10.21 -29.01
CA ALA B 120 -15.55 -10.58 -27.80
C ALA B 120 -15.15 -9.35 -26.99
N ARG B 121 -14.69 -8.30 -27.66
CA ARG B 121 -14.30 -7.08 -26.95
C ARG B 121 -15.48 -6.47 -26.17
N ARG B 122 -16.64 -6.34 -26.83
CA ARG B 122 -17.81 -5.77 -26.15
C ARG B 122 -18.40 -6.73 -25.11
N THR B 123 -18.34 -8.05 -25.36
CA THR B 123 -18.83 -9.02 -24.39
C THR B 123 -18.05 -8.94 -23.08
N ARG B 124 -16.71 -8.94 -23.18
CA ARG B 124 -15.90 -8.78 -21.98
C ARG B 124 -16.12 -7.40 -21.35
N PHE B 125 -16.29 -6.37 -22.18
CA PHE B 125 -16.38 -5.02 -21.66
C PHE B 125 -17.61 -4.86 -20.76
N PHE B 126 -18.80 -5.13 -21.28
CA PHE B 126 -19.99 -4.99 -20.43
C PHE B 126 -20.10 -6.12 -19.42
N GLY B 127 -19.50 -7.27 -19.69
CA GLY B 127 -19.43 -8.32 -18.68
C GLY B 127 -18.69 -7.87 -17.43
N ASP B 128 -17.52 -7.24 -17.61
CA ASP B 128 -16.82 -6.64 -16.47
C ASP B 128 -17.68 -5.58 -15.81
N PHE B 130 -21.06 -5.09 -15.81
CA PHE B 130 -22.15 -5.69 -15.06
C PHE B 130 -21.62 -6.58 -13.93
N GLY B 131 -20.30 -6.80 -13.86
CA GLY B 131 -19.59 -7.33 -12.72
C GLY B 131 -19.90 -8.76 -12.36
N THR B 132 -19.68 -9.69 -13.28
CA THR B 132 -20.40 -10.94 -13.21
C THR B 132 -19.53 -12.16 -13.50
N ARG B 133 -20.13 -13.31 -13.23
CA ARG B 133 -19.92 -14.52 -13.99
C ARG B 133 -21.16 -14.87 -14.80
N ALA B 134 -22.32 -14.39 -14.37
CA ALA B 134 -23.57 -14.60 -15.08
C ALA B 134 -23.51 -13.95 -16.46
N GLU B 135 -23.92 -14.70 -17.49
CA GLU B 135 -23.91 -14.19 -18.84
C GLU B 135 -25.13 -13.30 -19.09
N TYR B 136 -24.90 -12.17 -19.76
CA TYR B 136 -25.94 -11.25 -20.17
C TYR B 136 -26.12 -11.33 -21.68
N PHE B 137 -27.36 -11.22 -22.14
CA PHE B 137 -27.72 -11.34 -23.54
C PHE B 137 -28.36 -10.04 -24.04
N ILE B 138 -28.02 -9.64 -25.25
CA ILE B 138 -28.73 -8.54 -25.90
C ILE B 138 -30.04 -9.07 -26.45
N ARG B 139 -31.14 -8.39 -26.10
CA ARG B 139 -32.47 -8.88 -26.43
C ARG B 139 -33.23 -7.98 -27.39
N ARG B 140 -32.82 -6.72 -27.51
CA ARG B 140 -33.56 -5.73 -28.27
C ARG B 140 -32.58 -4.63 -28.61
N CYS B 141 -32.77 -4.02 -29.76
CA CYS B 141 -31.83 -3.02 -30.28
C CYS B 141 -32.52 -2.22 -31.38
N GLN B 142 -32.32 -0.90 -31.36
CA GLN B 142 -32.97 -0.04 -32.34
C GLN B 142 -32.33 1.34 -32.35
N ILE B 143 -32.50 2.03 -33.48
CA ILE B 143 -32.00 3.39 -33.68
C ILE B 143 -33.18 4.34 -33.53
N ASN B 144 -33.09 5.27 -32.59
CA ASN B 144 -34.10 6.32 -32.43
C ASN B 144 -33.57 7.64 -33.00
N ARG B 145 -34.32 8.21 -33.94
CA ARG B 145 -34.00 9.51 -34.54
C ARG B 145 -35.08 10.52 -34.14
N LEU B 147 -36.47 14.59 -33.67
CA LEU B 147 -36.35 15.92 -34.27
C LEU B 147 -36.89 16.98 -33.32
N LYS B 148 -36.83 18.23 -33.78
CA LYS B 148 -37.25 19.36 -32.96
C LYS B 148 -38.65 19.12 -32.39
N ASP B 149 -38.79 19.37 -31.10
CA ASP B 149 -40.01 19.31 -30.28
C ASP B 149 -40.32 17.90 -29.78
N SER B 150 -39.61 16.87 -30.21
CA SER B 150 -39.92 15.54 -29.70
C SER B 150 -39.29 15.33 -28.32
N PHE B 151 -39.83 14.36 -27.59
CA PHE B 151 -39.29 13.97 -26.29
C PHE B 151 -39.78 12.56 -25.99
N ILE B 152 -39.11 11.90 -25.04
CA ILE B 152 -39.52 10.58 -24.58
CA ILE B 152 -39.50 10.58 -24.57
C ILE B 152 -39.99 10.73 -23.14
N GLY B 153 -41.29 10.57 -22.93
CA GLY B 153 -41.85 10.77 -21.62
C GLY B 153 -41.40 9.72 -20.63
N HIS B 155 -40.91 6.76 -18.27
CA HIS B 155 -41.31 5.37 -18.48
C HIS B 155 -40.31 4.46 -17.78
N LEU B 156 -40.71 3.20 -17.62
CA LEU B 156 -39.84 2.13 -17.15
C LEU B 156 -39.61 1.15 -18.30
N ASP B 157 -38.33 0.90 -18.61
CA ASP B 157 -37.99 -0.12 -19.60
C ASP B 157 -38.51 -1.49 -19.20
N ALA B 158 -38.55 -1.77 -17.89
CA ALA B 158 -39.09 -3.03 -17.41
C ALA B 158 -40.51 -3.30 -17.88
N ALA B 159 -41.27 -2.25 -18.24
CA ALA B 159 -42.62 -2.45 -18.76
C ALA B 159 -42.59 -3.21 -20.08
N SER B 160 -41.57 -2.95 -20.92
CA SER B 160 -41.42 -3.70 -22.16
C SER B 160 -41.05 -5.16 -21.88
N ASN B 161 -40.19 -5.39 -20.90
CA ASN B 161 -39.76 -6.73 -20.55
C ASN B 161 -39.29 -6.69 -19.11
N PRO B 162 -39.97 -7.41 -18.20
CA PRO B 162 -39.58 -7.35 -16.78
C PRO B 162 -38.20 -7.90 -16.52
N ASP B 163 -37.59 -8.60 -17.49
CA ASP B 163 -36.28 -9.18 -17.32
C ASP B 163 -35.16 -8.31 -17.90
N TYR B 164 -35.46 -7.12 -18.41
CA TYR B 164 -34.41 -6.18 -18.77
C TYR B 164 -33.71 -5.67 -17.52
N GLU B 165 -32.38 -5.76 -17.49
CA GLU B 165 -31.61 -5.29 -16.35
C GLU B 165 -30.77 -4.05 -16.66
N PHE B 166 -30.15 -3.98 -17.83
CA PHE B 166 -29.38 -2.80 -18.21
C PHE B 166 -29.75 -2.38 -19.62
N SER B 167 -29.58 -1.09 -19.88
CA SER B 167 -29.72 -0.53 -21.22
C SER B 167 -28.44 0.22 -21.56
N VAL B 168 -28.05 0.17 -22.83
CA VAL B 168 -26.86 0.84 -23.33
C VAL B 168 -27.31 1.76 -24.45
N VAL B 169 -26.83 3.01 -24.45
CA VAL B 169 -27.17 3.97 -25.49
C VAL B 169 -25.92 4.59 -26.08
N ILE B 170 -25.74 4.45 -27.39
CA ILE B 170 -24.67 5.07 -28.18
C ILE B 170 -25.24 6.32 -28.84
N GLN B 171 -24.62 7.47 -28.60
CA GLN B 171 -25.08 8.71 -29.20
C GLN B 171 -24.37 8.90 -30.54
N LEU B 172 -25.15 8.93 -31.62
CA LEU B 172 -24.64 9.17 -32.97
C LEU B 172 -25.10 10.50 -33.53
N GLY B 173 -25.82 11.30 -32.75
CA GLY B 173 -26.39 12.53 -33.26
C GLY B 173 -25.30 13.55 -33.47
N ARG B 174 -25.27 14.13 -34.67
CA ARG B 174 -24.30 15.16 -35.01
C ARG B 174 -24.22 16.20 -33.91
N ALA B 175 -25.28 16.96 -33.74
CA ALA B 175 -25.35 17.94 -32.66
C ALA B 175 -26.78 18.41 -32.56
N PHE B 176 -27.23 18.61 -31.33
CA PHE B 176 -28.61 18.95 -31.03
C PHE B 176 -28.61 19.73 -29.73
N ASP B 177 -29.64 20.53 -29.53
CA ASP B 177 -29.84 21.24 -28.27
C ASP B 177 -30.95 20.55 -27.47
N GLY B 178 -30.80 20.53 -26.16
CA GLY B 178 -31.74 19.79 -25.34
C GLY B 178 -31.53 18.30 -25.43
N GLY B 179 -32.62 17.54 -25.38
CA GLY B 179 -32.52 16.09 -25.48
C GLY B 179 -31.64 15.46 -24.42
N GLU B 180 -31.71 15.96 -23.19
CA GLU B 180 -30.99 15.34 -22.10
C GLU B 180 -31.68 14.04 -21.68
N PHE B 181 -30.86 13.05 -21.33
CA PHE B 181 -31.32 11.81 -20.71
C PHE B 181 -31.33 12.01 -19.20
N VAL B 182 -32.50 11.93 -18.59
CA VAL B 182 -32.64 12.20 -17.16
C VAL B 182 -33.19 10.93 -16.52
N VAL B 183 -32.50 10.45 -15.50
CA VAL B 183 -32.95 9.30 -14.72
C VAL B 183 -33.52 9.83 -13.40
N HIS B 184 -34.64 9.24 -12.95
CA HIS B 184 -35.32 9.68 -11.74
C HIS B 184 -35.38 8.54 -10.72
N PRO B 185 -34.26 8.21 -10.08
CA PRO B 185 -34.28 7.12 -9.10
C PRO B 185 -35.15 7.48 -7.90
N GLN B 186 -35.76 6.45 -7.31
CA GLN B 186 -36.66 6.66 -6.19
C GLN B 186 -35.93 7.35 -5.05
N GLY B 187 -36.54 8.42 -4.53
CA GLY B 187 -36.05 9.07 -3.34
C GLY B 187 -34.75 9.84 -3.48
N ARG B 188 -34.34 10.17 -4.71
CA ARG B 188 -33.11 10.91 -4.96
C ARG B 188 -33.39 12.00 -5.98
N PRO B 189 -32.50 12.98 -6.10
CA PRO B 189 -32.68 13.99 -7.14
C PRO B 189 -32.50 13.38 -8.51
N PRO B 190 -33.15 13.93 -9.53
CA PRO B 190 -32.93 13.43 -10.90
C PRO B 190 -31.45 13.48 -11.27
N ASN B 191 -31.07 12.58 -12.18
CA ASN B 191 -29.69 12.49 -12.70
C ASN B 191 -29.72 12.89 -14.15
N VAL B 192 -29.03 13.97 -14.48
CA VAL B 192 -29.11 14.60 -15.80
C VAL B 192 -27.84 14.31 -16.59
N PHE B 193 -28.00 13.77 -17.78
CA PHE B 193 -26.89 13.40 -18.67
C PHE B 193 -27.10 14.10 -20.01
N ALA B 194 -26.12 14.88 -20.43
CA ALA B 194 -26.17 15.47 -21.76
C ALA B 194 -25.21 14.70 -22.67
N PRO B 195 -25.70 13.84 -23.58
CA PRO B 195 -24.78 12.98 -24.36
C PRO B 195 -24.22 13.65 -25.61
N ALA B 196 -22.91 13.59 -25.79
CA ALA B 196 -22.29 14.06 -27.02
C ALA B 196 -22.05 12.87 -27.94
N TYR B 197 -21.71 13.18 -29.20
CA TYR B 197 -21.42 12.14 -30.19
C TYR B 197 -20.41 11.13 -29.64
N GLY B 198 -20.75 9.85 -29.73
CA GLY B 198 -19.82 8.79 -29.38
C GLY B 198 -19.78 8.45 -27.92
N THR B 199 -20.51 9.18 -27.09
CA THR B 199 -20.65 8.80 -25.70
C THR B 199 -21.56 7.58 -25.58
N VAL B 200 -21.39 6.84 -24.50
CA VAL B 200 -22.20 5.66 -24.24
C VAL B 200 -22.77 5.75 -22.83
N ILE B 201 -24.10 5.71 -22.73
CA ILE B 201 -24.79 5.73 -21.44
C ILE B 201 -25.21 4.32 -21.10
N VAL B 202 -24.82 3.84 -19.93
CA VAL B 202 -25.27 2.57 -19.40
C VAL B 202 -26.15 2.86 -18.19
N THR B 203 -27.37 2.34 -18.20
CA THR B 203 -28.26 2.64 -17.12
C THR B 203 -28.98 1.37 -16.66
N SER B 204 -29.39 1.36 -15.41
CA SER B 204 -30.20 0.28 -14.87
C SER B 204 -31.67 0.47 -15.25
N CYS B 205 -32.31 -0.62 -15.66
CA CYS B 205 -33.72 -0.58 -16.04
C CYS B 205 -34.66 -0.56 -14.85
N ALA B 206 -34.13 -0.55 -13.63
CA ALA B 206 -35.01 -0.45 -12.48
C ALA B 206 -35.45 0.98 -12.19
N HIS B 207 -34.97 1.96 -12.95
CA HIS B 207 -35.21 3.37 -12.68
C HIS B 207 -36.00 3.98 -13.83
N ARG B 208 -37.05 4.74 -13.49
CA ARG B 208 -37.77 5.54 -14.47
C ARG B 208 -36.82 6.56 -15.08
N HIS B 209 -37.05 6.90 -16.34
CA HIS B 209 -36.16 7.80 -17.05
C HIS B 209 -36.89 8.39 -18.25
N GLU B 210 -36.29 9.43 -18.82
CA GLU B 210 -36.93 10.20 -19.88
C GLU B 210 -35.84 10.83 -20.72
N VAL B 211 -36.22 11.29 -21.92
CA VAL B 211 -35.41 12.21 -22.70
C VAL B 211 -36.20 13.50 -22.82
N ARG B 212 -35.58 14.60 -22.41
CA ARG B 212 -36.24 15.90 -22.45
C ARG B 212 -36.24 16.45 -23.88
N THR B 213 -37.05 17.48 -24.07
CA THR B 213 -37.32 18.04 -25.39
C THR B 213 -36.05 18.28 -26.20
N VAL B 214 -36.09 17.88 -27.46
CA VAL B 214 -35.07 18.27 -28.43
C VAL B 214 -35.41 19.67 -28.93
N ARG B 215 -34.48 20.61 -28.77
CA ARG B 215 -34.75 22.02 -29.02
C ARG B 215 -34.28 22.51 -30.39
N ALA B 216 -33.39 21.78 -31.05
CA ALA B 216 -32.90 22.12 -32.36
C ALA B 216 -32.21 20.89 -32.95
N ASN B 217 -32.32 20.74 -34.27
CA ASN B 217 -31.66 19.68 -35.07
C ASN B 217 -32.14 18.29 -34.61
N GLU B 218 -31.32 17.25 -34.77
CA GLU B 218 -31.79 15.89 -34.60
C GLU B 218 -30.87 15.08 -33.68
N ARG B 219 -31.49 14.31 -32.80
CA ARG B 219 -30.80 13.43 -31.87
C ARG B 219 -30.98 12.01 -32.36
N THR B 220 -29.88 11.32 -32.61
CA THR B 220 -29.93 9.94 -33.09
C THR B 220 -29.14 9.08 -32.12
N SER B 221 -29.77 8.01 -31.64
CA SER B 221 -29.14 7.18 -30.62
C SER B 221 -29.47 5.72 -30.89
N LEU B 222 -28.46 4.87 -30.72
CA LEU B 222 -28.62 3.43 -30.82
C LEU B 222 -28.86 2.88 -29.41
N VAL B 223 -30.03 2.28 -29.20
CA VAL B 223 -30.43 1.76 -27.89
C VAL B 223 -30.47 0.24 -27.94
N TYR B 224 -29.89 -0.42 -26.93
CA TYR B 224 -30.10 -1.85 -26.79
C TYR B 224 -30.19 -2.24 -25.32
N PHE B 225 -30.75 -3.44 -25.07
CA PHE B 225 -31.10 -3.93 -23.73
C PHE B 225 -30.51 -5.29 -23.46
N TYR B 226 -29.99 -5.46 -22.26
CA TYR B 226 -29.34 -6.67 -21.79
C TYR B 226 -30.17 -7.34 -20.72
N SER B 227 -30.20 -8.67 -20.74
CA SER B 227 -30.86 -9.44 -19.71
C SER B 227 -30.03 -10.67 -19.41
N ARG B 228 -30.22 -11.22 -18.22
CA ARG B 228 -29.72 -12.55 -17.92
C ARG B 228 -30.59 -13.63 -18.51
N HIS B 229 -31.74 -13.26 -19.09
CA HIS B 229 -32.71 -14.21 -19.62
C HIS B 229 -32.71 -14.14 -21.13
N ASN B 230 -32.66 -15.31 -21.77
CA ASN B 230 -32.57 -15.41 -23.22
C ASN B 230 -33.71 -16.20 -23.84
N GLY B 231 -34.72 -16.58 -23.05
CA GLY B 231 -35.88 -17.27 -23.56
C GLY B 231 -36.93 -16.29 -24.06
N ALA B 232 -38.17 -16.75 -24.11
CA ALA B 232 -39.26 -15.89 -24.53
C ALA B 232 -39.54 -14.83 -23.48
N ASN B 233 -39.83 -13.62 -23.93
CA ASN B 233 -40.09 -12.50 -23.03
C ASN B 233 -41.33 -12.77 -22.19
N ARG B 234 -41.18 -12.62 -20.88
CA ARG B 234 -42.20 -13.07 -19.94
C ARG B 234 -43.35 -12.09 -19.75
N ARG B 235 -43.37 -10.95 -20.45
CA ARG B 235 -44.51 -10.03 -20.35
C ARG B 235 -45.78 -10.69 -20.87
N THR C 24 -4.59 -26.31 30.82
CA THR C 24 -4.08 -26.49 32.18
C THR C 24 -2.56 -26.66 32.15
N ALA C 25 -2.07 -27.13 31.00
CA ALA C 25 -0.65 -27.39 30.80
C ALA C 25 -0.20 -26.77 29.48
N GLU C 26 1.00 -26.20 29.49
CA GLU C 26 1.63 -25.69 28.28
C GLU C 26 3.07 -26.20 28.23
N LEU C 27 3.54 -26.49 27.04
CA LEU C 27 4.88 -27.03 26.84
C LEU C 27 5.84 -25.88 26.56
N HIS C 28 6.79 -25.64 27.46
CA HIS C 28 7.78 -24.59 27.27
C HIS C 28 9.06 -25.18 26.68
N PHE C 29 9.62 -24.50 25.68
CA PHE C 29 10.80 -24.94 24.95
C PHE C 29 11.93 -23.94 25.13
N ARG C 30 13.14 -24.44 25.38
CA ARG C 30 14.31 -23.58 25.34
C ARG C 30 14.90 -23.66 23.94
N CYS C 31 16.02 -22.95 23.69
CA CYS C 31 16.64 -23.05 22.37
C CYS C 31 17.18 -24.46 22.17
N ASN C 32 17.06 -24.97 20.95
CA ASN C 32 17.62 -26.26 20.61
C ASN C 32 19.14 -26.18 20.65
N GLU C 33 19.78 -27.03 21.48
CA GLU C 33 21.21 -26.96 21.66
C GLU C 33 21.98 -27.92 20.75
N GLY C 34 21.30 -28.54 19.80
CA GLY C 34 21.93 -29.54 18.97
C GLY C 34 22.46 -28.98 17.67
N GLY C 35 22.34 -29.75 16.59
CA GLY C 35 22.75 -29.30 15.28
C GLY C 35 21.63 -29.33 14.26
N ALA C 37 20.59 -31.67 12.18
CA ALA C 37 19.72 -32.83 12.29
C ALA C 37 18.73 -32.67 13.43
N ASP C 38 19.17 -32.07 14.53
CA ASP C 38 18.27 -31.80 15.65
C ASP C 38 17.26 -30.70 15.32
N TYR C 39 17.70 -29.61 14.67
CA TYR C 39 16.76 -28.56 14.29
C TYR C 39 15.69 -29.08 13.34
N ALA C 40 16.10 -29.81 12.30
CA ALA C 40 15.16 -30.36 11.33
C ALA C 40 14.19 -31.32 11.98
N ALA C 41 14.70 -32.17 12.88
CA ALA C 41 13.83 -33.14 13.55
C ALA C 41 12.80 -32.44 14.42
N GLN C 42 13.18 -31.36 15.10
CA GLN C 42 12.21 -30.69 15.97
C GLN C 42 11.14 -30.00 15.16
N LEU C 43 11.55 -29.31 14.08
CA LEU C 43 10.60 -28.73 13.15
C LEU C 43 9.64 -29.78 12.62
N ARG C 44 10.20 -30.98 12.32
CA ARG C 44 9.43 -32.12 11.82
C ARG C 44 8.42 -32.62 12.85
N GLU C 45 8.88 -32.88 14.07
CA GLU C 45 8.00 -33.53 15.05
C GLU C 45 7.12 -32.50 15.76
N VAL C 46 7.70 -31.38 16.18
CA VAL C 46 7.01 -30.40 17.00
C VAL C 46 6.25 -29.40 16.13
N GLY C 47 6.81 -29.04 14.99
CA GLY C 47 6.27 -28.01 14.15
C GLY C 47 6.94 -26.67 14.32
N THR C 48 7.79 -26.53 15.33
CA THR C 48 8.45 -25.27 15.66
C THR C 48 9.79 -25.56 16.31
N VAL C 49 10.77 -24.74 16.01
CA VAL C 49 12.10 -24.85 16.63
C VAL C 49 12.65 -23.45 16.84
N LEU C 51 16.24 -21.43 17.44
CA LEU C 51 17.68 -21.57 17.30
C LEU C 51 18.37 -20.53 18.17
N PRO C 52 19.47 -20.86 18.83
CA PRO C 52 20.10 -19.87 19.72
C PRO C 52 20.91 -18.86 18.92
N ALA C 53 21.17 -17.73 19.56
CA ALA C 53 22.16 -16.82 19.00
C ALA C 53 23.53 -17.48 19.09
N TYR C 54 24.34 -17.44 18.03
CA TYR C 54 24.08 -16.80 16.74
C TYR C 54 24.30 -17.81 15.59
N VAL C 55 23.56 -18.92 15.64
CA VAL C 55 23.71 -20.00 14.68
C VAL C 55 23.36 -19.54 13.28
N ALA C 56 22.14 -19.03 13.09
CA ALA C 56 21.65 -18.76 11.72
C ALA C 56 22.15 -17.43 11.17
N PHE C 57 22.28 -16.41 12.01
CA PHE C 57 22.76 -15.10 11.59
C PHE C 57 23.77 -14.64 12.63
N ASP C 58 24.98 -14.29 12.19
CA ASP C 58 26.02 -13.86 13.11
C ASP C 58 25.60 -12.56 13.80
N ALA C 59 26.24 -12.25 14.93
CA ALA C 59 25.86 -11.06 15.68
C ALA C 59 26.14 -9.80 14.86
N HIS C 60 27.26 -9.80 14.12
CA HIS C 60 27.58 -8.60 13.34
C HIS C 60 26.60 -8.43 12.18
N GLU C 61 26.06 -9.54 11.66
CA GLU C 61 25.04 -9.45 10.63
C GLU C 61 23.72 -8.92 11.19
N LEU C 62 23.34 -9.35 12.39
CA LEU C 62 22.11 -8.82 12.97
C LEU C 62 22.27 -7.33 13.28
N ALA C 63 23.46 -6.93 13.75
CA ALA C 63 23.73 -5.51 13.94
C ALA C 63 23.53 -4.74 12.64
N ARG C 64 24.00 -5.29 11.53
CA ARG C 64 23.81 -4.62 10.24
C ARG C 64 22.32 -4.51 9.91
N ILE C 65 21.58 -5.61 10.09
CA ILE C 65 20.15 -5.64 9.85
C ILE C 65 19.45 -4.57 10.70
N ASP C 66 19.84 -4.47 11.97
CA ASP C 66 19.20 -3.52 12.87
C ASP C 66 19.38 -2.10 12.36
N ALA C 67 20.59 -1.77 11.90
CA ALA C 67 20.86 -0.45 11.38
C ALA C 67 20.06 -0.18 10.11
N LEU C 68 20.02 -1.15 9.19
CA LEU C 68 19.31 -0.94 7.94
C LEU C 68 17.81 -0.76 8.17
N GLN C 69 17.21 -1.60 9.02
CA GLN C 69 15.76 -1.56 9.16
C GLN C 69 15.28 -0.23 9.74
N ALA C 70 16.11 0.42 10.56
CA ALA C 70 15.73 1.72 11.11
C ALA C 70 15.50 2.76 10.01
N ARG C 71 16.21 2.66 8.90
CA ARG C 71 16.07 3.62 7.80
C ARG C 71 14.77 3.45 7.04
N LEU C 72 14.02 2.41 7.34
CA LEU C 72 12.85 2.10 6.52
C LEU C 72 11.67 2.93 6.99
N PRO C 73 10.70 3.19 6.10
CA PRO C 73 9.46 3.85 6.54
C PRO C 73 8.62 2.91 7.41
N GLU C 74 8.04 3.48 8.46
CA GLU C 74 7.34 2.70 9.48
C GLU C 74 5.88 3.15 9.57
N GLU C 75 4.96 2.19 9.44
CA GLU C 75 3.53 2.41 9.42
C GLU C 75 2.87 1.73 10.62
N PRO C 76 1.78 2.29 11.14
CA PRO C 76 1.04 1.62 12.21
C PRO C 76 0.06 0.61 11.65
N VAL C 77 0.01 -0.57 12.28
CA VAL C 77 -0.96 -1.58 11.89
C VAL C 77 -1.54 -2.21 13.15
N HIS C 86 -2.64 2.58 18.46
CA HIS C 86 -1.35 2.28 17.83
C HIS C 86 -0.35 1.68 18.80
N ASP C 87 -0.22 0.37 18.82
CA ASP C 87 0.78 -0.26 19.69
C ASP C 87 1.67 -1.24 18.94
N ILE C 88 1.53 -1.35 17.62
CA ILE C 88 2.42 -2.16 16.78
C ILE C 88 2.72 -1.38 15.51
N TYR C 89 4.00 -1.17 15.23
CA TYR C 89 4.44 -0.44 14.05
C TYR C 89 5.27 -1.36 13.15
N VAL C 90 4.99 -1.30 11.85
CA VAL C 90 5.51 -2.25 10.87
C VAL C 90 6.40 -1.53 9.86
N ARG C 91 7.55 -2.14 9.57
CA ARG C 91 8.44 -1.71 8.49
C ARG C 91 8.47 -2.81 7.44
N ARG C 92 7.89 -2.55 6.27
CA ARG C 92 7.73 -3.59 5.27
C ARG C 92 8.94 -3.63 4.36
N ILE C 93 9.43 -4.84 4.12
CA ILE C 93 10.52 -5.08 3.18
C ILE C 93 10.00 -5.68 1.88
N VAL C 95 6.11 -7.24 0.17
CA VAL C 95 4.68 -7.41 0.35
C VAL C 95 4.18 -8.52 -0.57
N ASP C 96 3.04 -9.13 -0.19
CA ASP C 96 2.54 -10.33 -0.85
C ASP C 96 1.00 -10.26 -0.85
N ARG C 97 0.45 -9.27 -1.55
CA ARG C 97 -0.97 -8.98 -1.50
C ARG C 97 -1.83 -10.07 -2.15
N ALA C 98 -3.06 -10.21 -1.66
CA ALA C 98 -4.00 -11.20 -2.17
C ALA C 98 -4.12 -11.11 -3.69
N GLY C 99 -3.94 -12.24 -4.36
CA GLY C 99 -4.03 -12.24 -5.81
C GLY C 99 -2.85 -11.64 -6.53
N GLU C 100 -1.77 -11.31 -5.83
CA GLU C 100 -0.62 -10.68 -6.46
C GLU C 100 0.65 -11.50 -6.24
N ARG C 101 1.70 -11.10 -6.90
CA ARG C 101 3.01 -11.71 -6.72
C ARG C 101 3.81 -10.89 -5.72
N PRO C 102 4.83 -11.49 -5.10
CA PRO C 102 5.64 -10.75 -4.11
C PRO C 102 6.34 -9.54 -4.74
N GLN C 103 6.43 -8.47 -3.96
CA GLN C 103 6.96 -7.20 -4.45
C GLN C 103 7.90 -6.56 -3.44
N LEU C 104 9.11 -6.21 -3.88
CA LEU C 104 10.00 -5.42 -3.04
C LEU C 104 9.46 -4.01 -2.88
N VAL C 105 9.53 -3.50 -1.64
CA VAL C 105 9.12 -2.14 -1.32
C VAL C 105 10.18 -1.53 -0.43
N ASN C 106 10.13 -0.20 -0.31
CA ASN C 106 11.02 0.56 0.56
C ASN C 106 12.49 0.36 0.16
N LEU C 107 12.74 0.38 -1.14
CA LEU C 107 14.09 0.39 -1.67
C LEU C 107 14.82 1.66 -1.20
N PRO C 108 16.15 1.64 -1.16
CA PRO C 108 17.05 0.54 -1.55
C PRO C 108 17.41 -0.41 -0.40
N HIS C 109 17.25 0.03 0.85
CA HIS C 109 17.76 -0.75 1.98
C HIS C 109 16.98 -2.05 2.20
N SER C 110 15.72 -2.11 1.78
CA SER C 110 14.99 -3.37 1.84
C SER C 110 15.72 -4.48 1.08
N GLU C 111 16.21 -4.19 -0.13
CA GLU C 111 16.93 -5.20 -0.90
C GLU C 111 18.23 -5.61 -0.23
N THR C 112 18.89 -4.68 0.45
CA THR C 112 20.10 -5.04 1.19
C THR C 112 19.79 -6.07 2.27
N ILE C 113 18.69 -5.87 3.00
CA ILE C 113 18.31 -6.82 4.04
C ILE C 113 17.98 -8.17 3.42
N LEU C 114 17.13 -8.15 2.39
CA LEU C 114 16.71 -9.39 1.72
C LEU C 114 17.93 -10.17 1.21
N ASN C 115 18.93 -9.48 0.66
CA ASN C 115 20.12 -10.16 0.13
C ASN C 115 20.83 -10.98 1.18
N LEU C 116 20.79 -10.54 2.45
CA LEU C 116 21.35 -11.34 3.53
C LEU C 116 20.50 -12.58 3.79
N LEU C 117 19.19 -12.37 3.99
CA LEU C 117 18.30 -13.48 4.29
C LEU C 117 18.31 -14.52 3.17
N GLY C 118 18.62 -14.11 1.96
CA GLY C 118 18.55 -14.99 0.82
C GLY C 118 19.88 -15.32 0.21
N ASP C 119 20.98 -15.13 0.95
CA ASP C 119 22.28 -15.42 0.37
C ASP C 119 22.54 -16.93 0.43
N ALA C 120 23.66 -17.35 -0.15
CA ALA C 120 23.93 -18.78 -0.31
C ALA C 120 23.94 -19.51 1.03
N ARG C 121 24.62 -18.94 2.02
CA ARG C 121 24.68 -19.59 3.33
C ARG C 121 23.28 -19.83 3.91
N ARG C 122 22.40 -18.82 3.84
CA ARG C 122 21.06 -18.98 4.39
C ARG C 122 20.22 -19.95 3.54
N THR C 123 20.37 -19.89 2.22
CA THR C 123 19.60 -20.79 1.36
C THR C 123 19.92 -22.25 1.65
N ARG C 124 21.21 -22.58 1.78
CA ARG C 124 21.59 -23.93 2.19
C ARG C 124 21.04 -24.25 3.58
N PHE C 125 21.23 -23.33 4.52
CA PHE C 125 20.79 -23.53 5.91
C PHE C 125 19.32 -23.89 5.97
N PHE C 126 18.44 -23.10 5.35
CA PHE C 126 17.03 -23.43 5.45
C PHE C 126 16.62 -24.53 4.47
N GLY C 127 17.37 -24.71 3.39
CA GLY C 127 17.19 -25.89 2.57
C GLY C 127 17.37 -27.17 3.35
N ASP C 128 18.46 -27.25 4.13
CA ASP C 128 18.64 -28.40 5.01
C ASP C 128 17.58 -28.43 6.12
N PHE C 130 14.44 -27.41 6.03
CA PHE C 130 13.15 -27.84 5.51
C PHE C 130 13.17 -29.26 4.97
N GLY C 131 14.33 -29.79 4.63
CA GLY C 131 14.42 -31.15 4.16
C GLY C 131 13.93 -31.38 2.75
N THR C 132 14.01 -30.38 1.87
CA THR C 132 13.76 -30.60 0.45
C THR C 132 14.86 -29.94 -0.36
N ARG C 133 15.10 -30.51 -1.55
CA ARG C 133 15.96 -29.88 -2.54
C ARG C 133 15.22 -28.83 -3.35
N ALA C 134 13.90 -28.71 -3.16
CA ALA C 134 13.11 -27.79 -3.96
C ALA C 134 13.50 -26.34 -3.68
N GLU C 135 13.30 -25.50 -4.69
CA GLU C 135 13.57 -24.08 -4.54
C GLU C 135 12.50 -23.43 -3.67
N TYR C 136 12.93 -22.62 -2.70
CA TYR C 136 12.03 -21.89 -1.83
C TYR C 136 12.20 -20.40 -2.03
N PHE C 137 11.11 -19.65 -1.95
CA PHE C 137 11.13 -18.21 -2.16
C PHE C 137 10.65 -17.47 -0.92
N ILE C 138 11.35 -16.39 -0.56
CA ILE C 138 10.87 -15.49 0.49
C ILE C 138 9.80 -14.62 -0.16
N ARG C 139 8.54 -14.83 0.23
CA ARG C 139 7.42 -14.12 -0.39
C ARG C 139 7.04 -12.85 0.35
N ARG C 140 7.33 -12.76 1.64
CA ARG C 140 6.88 -11.63 2.44
C ARG C 140 7.87 -11.46 3.57
N CYS C 141 8.13 -10.21 3.94
CA CYS C 141 9.17 -9.89 4.92
C CYS C 141 8.89 -8.52 5.51
N GLN C 142 8.93 -8.41 6.84
CA GLN C 142 8.69 -7.15 7.52
C GLN C 142 9.23 -7.18 8.94
N ILE C 143 9.53 -5.99 9.48
CA ILE C 143 9.87 -5.79 10.89
C ILE C 143 8.61 -5.42 11.66
N ASN C 144 8.31 -6.18 12.73
CA ASN C 144 7.21 -5.88 13.64
C ASN C 144 7.78 -5.30 14.94
N ARG C 145 7.33 -4.09 15.29
CA ARG C 145 7.80 -3.40 16.49
C ARG C 145 6.63 -3.33 17.46
N LEU C 147 4.92 -2.67 21.02
CA LEU C 147 5.01 -1.88 22.23
C LEU C 147 4.37 -2.61 23.40
N LYS C 148 4.62 -2.10 24.61
CA LYS C 148 4.07 -2.71 25.82
C LYS C 148 2.54 -2.82 25.72
N ASP C 149 2.01 -3.97 26.15
CA ASP C 149 0.59 -4.32 26.13
C ASP C 149 0.07 -4.63 24.74
N SER C 150 0.93 -4.66 23.73
CA SER C 150 0.48 -5.19 22.46
C SER C 150 0.54 -6.73 22.50
N PHE C 151 -0.16 -7.34 21.54
CA PHE C 151 -0.16 -8.78 21.38
C PHE C 151 -0.55 -9.10 19.94
N ILE C 152 -0.32 -10.36 19.54
CA ILE C 152 -0.83 -10.88 18.28
C ILE C 152 -1.84 -11.97 18.61
N GLY C 153 -3.10 -11.76 18.22
CA GLY C 153 -4.12 -12.74 18.48
C GLY C 153 -3.96 -13.98 17.61
N HIS C 155 -4.17 -16.80 15.02
CA HIS C 155 -4.41 -16.73 13.58
C HIS C 155 -3.59 -17.79 12.87
N LEU C 156 -3.89 -17.97 11.58
CA LEU C 156 -3.18 -18.86 10.68
C LEU C 156 -2.50 -18.03 9.61
N ASP C 157 -1.17 -18.21 9.48
CA ASP C 157 -0.46 -17.51 8.42
C ASP C 157 -0.99 -17.92 7.05
N ALA C 158 -1.37 -19.18 6.89
CA ALA C 158 -1.92 -19.64 5.63
C ALA C 158 -3.14 -18.84 5.17
N ALA C 159 -3.76 -18.06 6.06
CA ALA C 159 -4.89 -17.24 5.66
C ALA C 159 -4.46 -16.08 4.77
N SER C 160 -3.28 -15.53 5.03
CA SER C 160 -2.78 -14.44 4.19
C SER C 160 -2.31 -14.94 2.84
N ASN C 161 -1.79 -16.16 2.79
CA ASN C 161 -1.40 -16.84 1.55
C ASN C 161 -1.41 -18.34 1.80
N PRO C 162 -2.29 -19.09 1.13
CA PRO C 162 -2.38 -20.54 1.42
C PRO C 162 -1.12 -21.30 1.09
N ASP C 163 -0.20 -20.73 0.30
CA ASP C 163 1.03 -21.39 -0.11
C ASP C 163 2.21 -21.12 0.81
N TYR C 164 2.01 -20.39 1.91
CA TYR C 164 3.08 -20.23 2.88
C TYR C 164 3.34 -21.55 3.59
N GLU C 165 4.59 -22.01 3.58
CA GLU C 165 4.90 -23.26 4.28
C GLU C 165 5.61 -23.03 5.59
N PHE C 166 6.52 -22.08 5.66
CA PHE C 166 7.33 -21.88 6.84
C PHE C 166 7.45 -20.40 7.10
N SER C 167 7.51 -20.07 8.38
CA SER C 167 7.77 -18.71 8.85
C SER C 167 9.10 -18.70 9.59
N VAL C 168 9.87 -17.61 9.44
CA VAL C 168 11.14 -17.43 10.13
C VAL C 168 11.10 -16.09 10.84
N VAL C 169 11.43 -16.10 12.14
CA VAL C 169 11.34 -14.89 12.97
C VAL C 169 12.67 -14.66 13.65
N ILE C 170 13.29 -13.51 13.36
CA ILE C 170 14.55 -13.11 14.00
C ILE C 170 14.23 -12.07 15.07
N GLN C 171 14.63 -12.34 16.32
CA GLN C 171 14.40 -11.41 17.43
C GLN C 171 15.52 -10.38 17.45
N LEU C 172 15.17 -9.13 17.20
CA LEU C 172 16.08 -8.01 17.34
C LEU C 172 15.78 -7.18 18.58
N GLY C 173 14.78 -7.59 19.35
CA GLY C 173 14.37 -6.80 20.49
C GLY C 173 15.41 -6.89 21.57
N ARG C 174 15.88 -5.71 22.02
CA ARG C 174 16.90 -5.57 23.06
C ARG C 174 16.58 -6.43 24.27
N ALA C 175 15.53 -6.06 25.00
CA ALA C 175 15.13 -6.81 26.17
C ALA C 175 13.70 -6.44 26.49
N PHE C 176 12.91 -7.42 26.89
CA PHE C 176 11.48 -7.23 27.13
C PHE C 176 10.95 -8.39 27.96
N ASP C 177 9.84 -8.13 28.64
CA ASP C 177 9.14 -9.15 29.40
C ASP C 177 7.95 -9.67 28.58
N GLY C 178 7.55 -10.91 28.87
CA GLY C 178 6.42 -11.49 28.16
C GLY C 178 6.67 -11.62 26.67
N GLY C 179 5.63 -11.37 25.88
CA GLY C 179 5.78 -11.46 24.42
C GLY C 179 6.17 -12.82 23.90
N GLU C 180 5.69 -13.90 24.52
CA GLU C 180 6.07 -15.22 24.06
C GLU C 180 5.38 -15.56 22.73
N PHE C 181 6.09 -16.33 21.91
CA PHE C 181 5.50 -16.88 20.71
C PHE C 181 4.88 -18.23 21.09
N VAL C 182 3.57 -18.37 20.89
CA VAL C 182 2.84 -19.58 21.32
C VAL C 182 2.19 -20.21 20.12
N VAL C 183 2.53 -21.48 19.86
CA VAL C 183 1.93 -22.27 18.79
C VAL C 183 0.92 -23.21 19.42
N HIS C 184 -0.21 -23.42 18.71
CA HIS C 184 -1.36 -24.16 19.22
C HIS C 184 -1.70 -25.30 18.25
N PRO C 185 -0.91 -26.36 18.23
CA PRO C 185 -1.23 -27.50 17.36
C PRO C 185 -2.49 -28.21 17.83
N GLN C 186 -3.21 -28.76 16.87
CA GLN C 186 -4.48 -29.40 17.16
C GLN C 186 -4.31 -30.55 18.13
N GLY C 187 -5.11 -30.54 19.20
CA GLY C 187 -5.16 -31.65 20.14
C GLY C 187 -3.85 -31.89 20.85
N ARG C 188 -3.11 -30.84 21.16
CA ARG C 188 -1.84 -30.93 21.86
C ARG C 188 -1.73 -29.71 22.74
N PRO C 189 -0.91 -29.77 23.79
CA PRO C 189 -0.70 -28.57 24.60
C PRO C 189 -0.04 -27.49 23.77
N PRO C 190 -0.31 -26.21 24.07
CA PRO C 190 0.43 -25.11 23.43
C PRO C 190 1.93 -25.27 23.63
N ASN C 191 2.68 -24.87 22.60
CA ASN C 191 4.14 -24.81 22.62
C ASN C 191 4.55 -23.35 22.80
N VAL C 192 5.18 -23.06 23.94
CA VAL C 192 5.51 -21.69 24.34
C VAL C 192 6.99 -21.46 24.09
N PHE C 193 7.31 -20.38 23.37
CA PHE C 193 8.69 -20.02 23.07
C PHE C 193 8.92 -18.59 23.52
N ALA C 194 9.86 -18.41 24.43
CA ALA C 194 10.24 -17.10 24.95
C ALA C 194 11.57 -16.68 24.31
N PRO C 195 11.57 -15.85 23.28
CA PRO C 195 12.81 -15.61 22.53
C PRO C 195 13.60 -14.47 23.15
N ALA C 196 14.90 -14.50 22.88
CA ALA C 196 15.84 -13.48 23.29
C ALA C 196 16.52 -12.91 22.06
N TYR C 197 17.32 -11.86 22.28
CA TYR C 197 18.00 -11.22 21.17
C TYR C 197 18.83 -12.25 20.41
N GLY C 198 18.75 -12.21 19.08
CA GLY C 198 19.56 -13.09 18.27
C GLY C 198 19.02 -14.49 18.07
N THR C 199 17.99 -14.90 18.83
CA THR C 199 17.41 -16.19 18.54
C THR C 199 16.55 -16.10 17.28
N VAL C 200 16.26 -17.26 16.71
CA VAL C 200 15.54 -17.38 15.46
C VAL C 200 14.52 -18.50 15.62
N ILE C 201 13.25 -18.21 15.40
CA ILE C 201 12.18 -19.20 15.45
C ILE C 201 11.81 -19.59 14.02
N VAL C 202 11.72 -20.89 13.79
CA VAL C 202 11.22 -21.44 12.53
C VAL C 202 9.99 -22.24 12.86
N THR C 203 8.95 -22.06 12.05
CA THR C 203 7.70 -22.72 12.38
C THR C 203 6.96 -23.03 11.09
N SER C 204 6.30 -24.18 11.07
CA SER C 204 5.39 -24.55 9.99
C SER C 204 4.09 -23.75 10.06
N CYS C 205 3.62 -23.29 8.91
CA CYS C 205 2.44 -22.42 8.85
C CYS C 205 1.13 -23.19 8.93
N ALA C 206 1.18 -24.49 9.23
CA ALA C 206 -0.01 -25.30 9.40
C ALA C 206 -0.65 -25.16 10.78
N HIS C 207 0.04 -24.57 11.75
CA HIS C 207 -0.49 -24.44 13.10
C HIS C 207 -0.84 -22.98 13.38
N ARG C 208 -1.99 -22.77 14.03
CA ARG C 208 -2.31 -21.45 14.52
C ARG C 208 -1.29 -21.03 15.58
N HIS C 209 -1.00 -19.73 15.64
CA HIS C 209 -0.01 -19.24 16.60
C HIS C 209 -0.36 -17.80 17.00
N GLU C 210 0.28 -17.34 18.08
CA GLU C 210 0.02 -16.03 18.66
C GLU C 210 1.28 -15.49 19.33
N VAL C 211 1.25 -14.19 19.62
CA VAL C 211 2.28 -13.58 20.46
C VAL C 211 1.55 -13.05 21.69
N ARG C 212 1.93 -13.54 22.87
CA ARG C 212 1.28 -13.12 24.09
C ARG C 212 1.75 -11.72 24.49
N THR C 213 0.98 -11.12 25.39
CA THR C 213 1.09 -9.70 25.70
C THR C 213 2.52 -9.28 25.99
N VAL C 214 2.93 -8.18 25.36
CA VAL C 214 4.23 -7.60 25.65
C VAL C 214 4.12 -6.88 26.99
N ARG C 215 4.98 -7.26 27.94
CA ARG C 215 4.84 -6.80 29.32
C ARG C 215 5.76 -5.66 29.69
N ALA C 216 6.74 -5.33 28.86
CA ALA C 216 7.56 -4.16 29.12
C ALA C 216 8.32 -3.77 27.86
N ASN C 217 8.82 -2.54 27.86
CA ASN C 217 9.50 -1.88 26.76
C ASN C 217 8.93 -2.27 25.40
N GLU C 218 9.76 -2.86 24.54
CA GLU C 218 9.36 -3.15 23.18
C GLU C 218 9.95 -4.48 22.73
N ARG C 219 9.23 -5.16 21.85
CA ARG C 219 9.65 -6.43 21.26
C ARG C 219 9.70 -6.21 19.75
N THR C 220 10.88 -6.40 19.17
CA THR C 220 11.13 -6.08 17.76
C THR C 220 11.62 -7.32 17.04
N SER C 221 10.96 -7.67 15.94
CA SER C 221 11.22 -8.93 15.26
C SER C 221 11.15 -8.75 13.76
N LEU C 222 12.04 -9.47 13.05
CA LEU C 222 12.06 -9.56 11.61
C LEU C 222 11.35 -10.86 11.22
N VAL C 223 10.25 -10.75 10.47
CA VAL C 223 9.41 -11.90 10.13
C VAL C 223 9.39 -12.05 8.62
N TYR C 224 9.57 -13.27 8.14
CA TYR C 224 9.44 -13.52 6.71
C TYR C 224 8.91 -14.92 6.48
N PHE C 225 8.37 -15.13 5.29
CA PHE C 225 7.57 -16.30 4.97
C PHE C 225 8.14 -16.96 3.71
N TYR C 226 8.25 -18.29 3.75
CA TYR C 226 8.82 -19.09 2.68
C TYR C 226 7.74 -19.87 1.95
N SER C 227 7.89 -20.00 0.63
CA SER C 227 6.97 -20.77 -0.20
C SER C 227 7.74 -21.28 -1.42
N ARG C 228 7.38 -22.47 -1.90
CA ARG C 228 7.92 -22.92 -3.18
C ARG C 228 7.19 -22.31 -4.37
N HIS C 229 6.12 -21.57 -4.12
CA HIS C 229 5.37 -20.90 -5.16
C HIS C 229 5.85 -19.45 -5.27
N ASN C 230 6.24 -19.05 -6.48
CA ASN C 230 6.65 -17.68 -6.73
C ASN C 230 5.66 -16.93 -7.62
N GLY C 231 4.53 -17.56 -7.99
CA GLY C 231 3.50 -16.89 -8.75
C GLY C 231 2.65 -16.00 -7.87
N ALA C 232 1.41 -15.76 -8.29
CA ALA C 232 0.55 -14.86 -7.54
C ALA C 232 -0.08 -15.55 -6.34
N ASN C 233 -0.34 -14.76 -5.29
CA ASN C 233 -0.97 -15.24 -4.07
C ASN C 233 -2.35 -15.81 -4.40
N ARG C 234 -2.50 -17.13 -4.23
CA ARG C 234 -3.74 -17.79 -4.62
C ARG C 234 -4.95 -17.30 -3.84
N ARG C 235 -4.77 -16.49 -2.80
CA ARG C 235 -5.92 -15.91 -2.10
C ARG C 235 -6.46 -14.72 -2.88
N ALA C 236 -7.77 -14.74 -3.16
CA ALA C 236 -8.43 -13.66 -3.89
C ALA C 236 -8.62 -12.42 -3.04
N THR D 24 24.17 15.15 15.60
CA THR D 24 23.78 15.81 14.36
C THR D 24 22.30 16.20 14.32
N ALA D 25 21.47 15.36 14.93
CA ALA D 25 20.03 15.50 14.82
C ALA D 25 19.43 15.04 16.14
N GLU D 26 18.71 15.93 16.81
CA GLU D 26 18.10 15.59 18.09
C GLU D 26 16.64 16.03 18.05
N LEU D 27 15.79 15.23 18.70
CA LEU D 27 14.35 15.43 18.73
C LEU D 27 13.98 16.14 20.02
N HIS D 28 13.53 17.39 19.90
CA HIS D 28 13.15 18.19 21.05
C HIS D 28 11.66 18.07 21.28
N PHE D 29 11.27 17.82 22.54
CA PHE D 29 9.87 17.65 22.94
C PHE D 29 9.42 18.79 23.84
N ARG D 30 8.16 19.16 23.69
CA ARG D 30 7.50 20.06 24.61
C ARG D 30 6.65 19.22 25.57
N CYS D 31 6.00 19.87 26.53
CA CYS D 31 5.03 19.16 27.36
C CYS D 31 3.90 18.63 26.49
N ASN D 32 3.38 17.47 26.86
CA ASN D 32 2.23 16.89 26.17
C ASN D 32 0.97 17.64 26.59
N GLU D 33 0.22 18.18 25.62
CA GLU D 33 -0.96 18.97 25.91
C GLU D 33 -2.26 18.17 25.87
N GLY D 34 -2.18 16.84 25.79
CA GLY D 34 -3.36 16.00 25.71
C GLY D 34 -3.86 15.54 27.06
N GLY D 35 -4.49 14.36 27.07
CA GLY D 35 -4.94 13.71 28.27
C GLY D 35 -4.24 12.38 28.50
N ALA D 37 -4.69 9.25 27.69
CA ALA D 37 -4.42 8.39 26.54
C ALA D 37 -3.23 8.88 25.74
N ASP D 38 -3.06 10.21 25.62
CA ASP D 38 -1.88 10.76 24.96
C ASP D 38 -0.62 10.59 25.81
N TYR D 39 -0.72 10.84 27.13
CA TYR D 39 0.44 10.62 27.99
C TYR D 39 0.94 9.20 27.85
N ALA D 40 0.04 8.22 27.99
CA ALA D 40 0.43 6.82 27.98
C ALA D 40 0.93 6.38 26.61
N ALA D 41 0.36 6.93 25.53
CA ALA D 41 0.85 6.57 24.19
C ALA D 41 2.25 7.11 23.93
N GLN D 42 2.52 8.36 24.34
CA GLN D 42 3.86 8.90 24.12
C GLN D 42 4.90 8.12 24.92
N LEU D 43 4.62 7.87 26.21
CA LEU D 43 5.49 7.03 27.02
C LEU D 43 5.74 5.69 26.35
N ARG D 44 4.69 5.11 25.78
CA ARG D 44 4.75 3.78 25.14
C ARG D 44 5.63 3.81 23.90
N GLU D 45 5.51 4.86 23.09
CA GLU D 45 6.11 4.93 21.77
C GLU D 45 7.48 5.58 21.82
N VAL D 46 7.59 6.70 22.53
CA VAL D 46 8.83 7.44 22.63
C VAL D 46 9.72 6.94 23.76
N GLY D 47 9.12 6.49 24.86
CA GLY D 47 9.86 6.03 26.01
C GLY D 47 10.04 7.08 27.08
N THR D 48 9.43 8.25 26.90
CA THR D 48 9.57 9.42 27.76
C THR D 48 8.39 10.35 27.47
N VAL D 49 7.74 10.85 28.50
CA VAL D 49 6.73 11.88 28.33
C VAL D 49 6.97 12.97 29.36
N LEU D 51 4.95 15.91 31.41
CA LEU D 51 3.62 16.37 31.79
C LEU D 51 3.67 17.82 32.21
N PRO D 52 2.74 18.65 31.77
CA PRO D 52 2.79 20.06 32.14
C PRO D 52 2.36 20.27 33.58
N ALA D 53 2.77 21.42 34.11
CA ALA D 53 2.24 21.88 35.38
C ALA D 53 0.79 22.31 35.16
N TYR D 54 -0.12 21.87 36.02
CA TYR D 54 0.13 21.09 37.22
C TYR D 54 -0.74 19.83 37.19
N VAL D 55 -0.55 19.01 36.15
CA VAL D 55 -1.43 17.87 35.93
C VAL D 55 -1.26 16.82 37.02
N ALA D 56 -0.04 16.34 37.23
CA ALA D 56 0.13 15.18 38.09
C ALA D 56 0.16 15.56 39.56
N PHE D 57 0.67 16.76 39.88
CA PHE D 57 0.71 17.29 41.23
C PHE D 57 0.29 18.75 41.16
N ASP D 58 -0.60 19.15 42.07
CA ASP D 58 -1.06 20.53 42.08
C ASP D 58 0.03 21.46 42.64
N ALA D 59 -0.03 22.73 42.25
CA ALA D 59 0.96 23.70 42.72
C ALA D 59 1.10 23.70 44.24
N HIS D 60 -0.02 23.67 44.97
CA HIS D 60 0.10 23.71 46.43
C HIS D 60 0.70 22.42 46.97
N GLU D 61 0.50 21.30 46.25
CA GLU D 61 1.16 20.07 46.64
C GLU D 61 2.67 20.16 46.43
N LEU D 62 3.11 20.73 45.31
CA LEU D 62 4.54 20.87 45.07
C LEU D 62 5.17 21.83 46.08
N ALA D 63 4.44 22.90 46.44
CA ALA D 63 4.97 23.83 47.42
C ALA D 63 5.20 23.14 48.76
N ARG D 64 4.25 22.31 49.17
CA ARG D 64 4.40 21.55 50.40
C ARG D 64 5.52 20.52 50.28
N ILE D 65 5.59 19.79 49.16
CA ILE D 65 6.74 18.91 48.95
C ILE D 65 8.03 19.69 49.02
N ASP D 66 8.08 20.85 48.36
CA ASP D 66 9.32 21.59 48.30
C ASP D 66 9.72 22.10 49.69
N ALA D 67 8.75 22.49 50.50
CA ALA D 67 9.06 22.88 51.87
C ALA D 67 9.54 21.68 52.69
N LEU D 68 8.89 20.53 52.52
CA LEU D 68 9.23 19.35 53.30
C LEU D 68 10.65 18.88 53.00
N GLN D 69 10.99 18.75 51.71
CA GLN D 69 12.30 18.22 51.35
C GLN D 69 13.43 19.13 51.85
N ALA D 70 13.19 20.44 51.89
CA ALA D 70 14.21 21.38 52.32
C ALA D 70 14.67 21.13 53.75
N ARG D 71 13.86 20.42 54.54
CA ARG D 71 14.18 20.06 55.91
C ARG D 71 14.98 18.76 56.00
N LEU D 72 15.27 18.13 54.88
CA LEU D 72 16.00 16.88 54.91
C LEU D 72 17.51 17.15 54.99
N PRO D 73 18.25 16.27 55.67
CA PRO D 73 19.71 16.35 55.64
C PRO D 73 20.26 16.14 54.23
N GLU D 74 21.17 17.01 53.83
CA GLU D 74 21.72 16.98 52.48
C GLU D 74 23.12 16.40 52.51
N GLU D 75 23.48 15.64 51.48
CA GLU D 75 24.84 15.13 51.41
C GLU D 75 25.40 15.33 50.01
N PRO D 76 26.70 15.58 49.90
CA PRO D 76 27.30 15.69 48.57
C PRO D 76 27.43 14.32 47.93
N VAL D 77 27.23 14.28 46.62
CA VAL D 77 27.37 13.06 45.81
C VAL D 77 28.12 13.39 44.55
N THR D 78 29.19 12.65 44.27
CA THR D 78 29.94 12.86 43.04
C THR D 78 29.11 12.46 41.83
N ALA D 79 29.09 13.33 40.83
CA ALA D 79 28.38 13.06 39.58
C ALA D 79 29.27 13.51 38.44
N GLY D 80 28.68 13.71 37.27
CA GLY D 80 29.49 14.02 36.11
C GLY D 80 29.94 12.76 35.41
N ASP D 81 31.14 12.78 34.86
CA ASP D 81 31.73 11.63 34.19
C ASP D 81 33.08 11.35 34.81
N ALA D 82 33.69 10.21 34.42
CA ALA D 82 34.96 9.81 35.01
C ALA D 82 36.06 10.82 34.73
N GLY D 83 36.07 11.39 33.52
CA GLY D 83 37.06 12.41 33.20
C GLY D 83 36.77 13.75 33.86
N ASP D 84 35.50 14.09 34.03
CA ASP D 84 35.09 15.39 34.59
C ASP D 84 34.05 15.11 35.68
N THR D 85 34.48 15.18 36.93
CA THR D 85 33.60 14.91 38.07
C THR D 85 33.14 16.21 38.72
N HIS D 86 31.86 16.25 39.11
CA HIS D 86 31.30 17.38 39.82
C HIS D 86 30.40 16.85 40.94
N ASP D 87 30.25 17.65 41.99
CA ASP D 87 29.37 17.29 43.08
C ASP D 87 27.97 17.82 42.82
N ILE D 88 26.98 16.96 43.03
CA ILE D 88 25.60 17.39 43.20
C ILE D 88 25.22 17.07 44.64
N TYR D 89 24.13 17.69 45.10
CA TYR D 89 23.75 17.64 46.50
C TYR D 89 22.39 16.96 46.62
N VAL D 90 22.34 15.89 47.42
CA VAL D 90 21.23 14.93 47.41
C VAL D 90 20.55 14.92 48.78
N ARG D 91 19.23 14.88 48.77
CA ARG D 91 18.43 14.66 49.98
C ARG D 91 17.64 13.37 49.77
N ARG D 92 18.02 12.32 50.50
CA ARG D 92 17.44 10.99 50.30
C ARG D 92 16.13 10.85 51.05
N ILE D 93 15.12 10.31 50.36
CA ILE D 93 13.83 9.99 50.95
C ILE D 93 13.66 8.49 51.14
N VAL D 95 15.83 4.66 50.11
CA VAL D 95 16.99 3.99 49.55
C VAL D 95 16.58 2.59 49.14
N ASP D 96 17.35 2.04 48.20
CA ASP D 96 17.08 0.73 47.64
C ASP D 96 18.42 0.00 47.48
N ARG D 97 19.06 -0.27 48.62
CA ARG D 97 20.41 -0.80 48.62
C ARG D 97 20.44 -2.21 48.03
N ALA D 98 21.58 -2.58 47.47
CA ALA D 98 21.69 -3.87 46.79
C ALA D 98 21.44 -5.01 47.78
N GLY D 99 20.58 -5.95 47.36
CA GLY D 99 20.22 -7.08 48.19
C GLY D 99 19.24 -6.79 49.30
N GLU D 100 18.68 -5.58 49.36
CA GLU D 100 17.82 -5.17 50.45
C GLU D 100 16.45 -4.74 49.95
N ARG D 101 15.49 -4.70 50.88
CA ARG D 101 14.19 -4.12 50.59
C ARG D 101 14.31 -2.59 50.59
N PRO D 102 13.36 -1.90 49.93
CA PRO D 102 13.38 -0.43 49.99
C PRO D 102 13.14 0.04 51.41
N GLN D 103 13.71 1.19 51.75
CA GLN D 103 13.68 1.64 53.14
C GLN D 103 13.63 3.16 53.20
N LEU D 104 12.65 3.69 53.93
CA LEU D 104 12.56 5.12 54.17
C LEU D 104 13.73 5.59 55.02
N VAL D 105 14.28 6.75 54.66
CA VAL D 105 15.34 7.38 55.45
C VAL D 105 14.89 8.81 55.75
N ASN D 106 15.63 9.46 56.65
CA ASN D 106 15.40 10.87 56.99
C ASN D 106 13.96 11.14 57.43
N LEU D 107 13.41 10.22 58.22
CA LEU D 107 12.11 10.43 58.83
C LEU D 107 12.12 11.70 59.71
N PRO D 108 10.94 12.29 59.96
CA PRO D 108 9.60 11.87 59.55
C PRO D 108 9.14 12.48 58.22
N HIS D 109 9.71 13.62 57.82
CA HIS D 109 9.21 14.35 56.66
C HIS D 109 9.38 13.57 55.36
N SER D 110 10.30 12.61 55.33
CA SER D 110 10.37 11.76 54.16
C SER D 110 9.07 10.98 53.97
N GLU D 111 8.50 10.46 55.07
CA GLU D 111 7.27 9.69 54.94
C GLU D 111 6.12 10.57 54.46
N THR D 112 6.05 11.80 54.96
CA THR D 112 5.04 12.74 54.48
C THR D 112 5.13 12.90 52.97
N ILE D 113 6.34 13.13 52.46
CA ILE D 113 6.53 13.22 51.01
C ILE D 113 6.13 11.91 50.34
N LEU D 114 6.57 10.78 50.90
CA LEU D 114 6.25 9.50 50.28
C LEU D 114 4.74 9.27 50.24
N ASN D 115 4.03 9.64 51.31
CA ASN D 115 2.59 9.43 51.37
C ASN D 115 1.83 10.18 50.28
N LEU D 116 2.36 11.34 49.84
CA LEU D 116 1.76 12.08 48.72
C LEU D 116 2.04 11.40 47.38
N LEU D 117 3.29 10.98 47.16
CA LEU D 117 3.62 10.30 45.91
C LEU D 117 2.85 8.99 45.77
N GLY D 118 2.48 8.36 46.87
CA GLY D 118 1.84 7.06 46.77
C GLY D 118 0.39 7.02 47.16
N ASP D 119 -0.28 8.17 47.16
CA ASP D 119 -1.67 8.22 47.60
C ASP D 119 -2.58 7.72 46.47
N ALA D 120 -3.87 7.62 46.80
CA ALA D 120 -4.84 7.05 45.87
C ALA D 120 -4.81 7.74 44.52
N ARG D 121 -4.81 9.06 44.51
CA ARG D 121 -4.82 9.81 43.26
C ARG D 121 -3.61 9.47 42.39
N ARG D 122 -2.41 9.51 43.00
CA ARG D 122 -1.20 9.22 42.24
C ARG D 122 -1.08 7.75 41.88
N THR D 123 -1.64 6.86 42.69
CA THR D 123 -1.59 5.44 42.37
C THR D 123 -2.38 5.15 41.10
N ARG D 124 -3.61 5.62 41.03
CA ARG D 124 -4.42 5.44 39.83
C ARG D 124 -3.81 6.17 38.65
N PHE D 125 -3.24 7.35 38.90
CA PHE D 125 -2.71 8.15 37.81
C PHE D 125 -1.59 7.39 37.09
N PHE D 126 -0.54 7.03 37.81
CA PHE D 126 0.55 6.32 37.16
C PHE D 126 0.17 4.89 36.83
N GLY D 127 -0.74 4.29 37.60
CA GLY D 127 -1.28 2.99 37.23
C GLY D 127 -1.90 3.01 35.85
N ASP D 128 -2.74 4.01 35.57
CA ASP D 128 -3.32 4.15 34.23
C ASP D 128 -2.24 4.31 33.18
N PHE D 130 1.03 3.53 33.23
CA PHE D 130 1.77 2.29 33.03
C PHE D 130 0.89 1.21 32.45
N GLY D 131 -0.45 1.34 32.61
CA GLY D 131 -1.47 0.62 31.88
C GLY D 131 -1.68 -0.83 32.27
N THR D 132 -2.11 -1.09 33.50
CA THR D 132 -1.88 -2.39 34.10
C THR D 132 -3.06 -2.90 34.91
N ARG D 133 -2.92 -4.17 35.28
CA ARG D 133 -3.38 -4.70 36.55
C ARG D 133 -2.19 -5.10 37.41
N ALA D 134 -1.00 -5.11 36.84
CA ALA D 134 0.23 -5.34 37.59
C ALA D 134 0.52 -4.12 38.44
N GLU D 135 0.50 -4.29 39.76
CA GLU D 135 0.79 -3.16 40.64
C GLU D 135 2.27 -2.78 40.56
N TYR D 136 2.54 -1.48 40.64
CA TYR D 136 3.89 -0.95 40.63
C TYR D 136 4.22 -0.37 41.99
N PHE D 137 5.47 -0.53 42.43
CA PHE D 137 5.91 -0.04 43.72
C PHE D 137 7.01 0.99 43.55
N ILE D 138 6.94 2.05 44.34
CA ILE D 138 8.02 3.01 44.46
C ILE D 138 9.12 2.39 45.30
N ARG D 139 10.33 2.34 44.75
CA ARG D 139 11.42 1.65 45.41
C ARG D 139 12.51 2.57 45.93
N ARG D 140 12.62 3.78 45.38
CA ARG D 140 13.71 4.69 45.69
C ARG D 140 13.28 6.11 45.35
N CYS D 141 13.78 7.07 46.12
CA CYS D 141 13.31 8.44 45.98
C CYS D 141 14.33 9.39 46.60
N GLN D 142 14.63 10.48 45.90
CA GLN D 142 15.60 11.46 46.40
C GLN D 142 15.42 12.77 45.66
N ILE D 143 15.97 13.84 46.24
CA ILE D 143 16.02 15.16 45.62
C ILE D 143 17.45 15.42 45.17
N ASN D 144 17.65 15.72 43.87
CA ASN D 144 18.95 16.12 43.35
C ASN D 144 18.99 17.62 43.12
N ARG D 145 20.00 18.27 43.71
CA ARG D 145 20.20 19.72 43.59
C ARG D 145 21.52 19.96 42.88
N LEU D 147 24.21 22.46 40.71
CA LEU D 147 24.68 23.82 40.56
C LEU D 147 25.42 23.99 39.22
N LYS D 148 25.84 25.22 38.95
CA LYS D 148 26.56 25.54 37.73
C LYS D 148 27.72 24.59 37.52
N ASP D 149 27.87 24.12 36.28
CA ASP D 149 28.90 23.21 35.78
C ASP D 149 28.63 21.75 36.09
N SER D 150 27.61 21.42 36.89
CA SER D 150 27.36 20.01 37.15
C SER D 150 26.59 19.39 35.99
N PHE D 151 26.65 18.06 35.91
CA PHE D 151 25.91 17.31 34.91
C PHE D 151 25.84 15.87 35.36
N ILE D 152 24.90 15.13 34.80
CA ILE D 152 24.76 13.69 35.05
C ILE D 152 25.11 12.96 33.76
N GLY D 153 26.24 12.27 33.78
CA GLY D 153 26.70 11.57 32.60
C GLY D 153 25.80 10.41 32.20
N HIS D 155 24.06 7.08 31.52
CA HIS D 155 23.97 5.94 32.42
C HIS D 155 22.64 5.24 32.17
N LEU D 156 22.55 4.03 32.70
CA LEU D 156 21.31 3.24 32.74
C LEU D 156 20.84 3.13 34.18
N ASP D 157 19.59 3.55 34.43
CA ASP D 157 19.01 3.34 35.75
C ASP D 157 18.95 1.87 36.09
N ALA D 158 18.82 1.00 35.09
CA ALA D 158 18.74 -0.42 35.34
C ALA D 158 20.00 -0.96 36.01
N ALA D 159 21.15 -0.29 35.83
CA ALA D 159 22.37 -0.71 36.51
C ALA D 159 22.21 -0.65 38.02
N SER D 160 21.50 0.37 38.53
CA SER D 160 21.27 0.46 39.97
C SER D 160 20.40 -0.67 40.48
N ASN D 161 19.34 -1.00 39.75
CA ASN D 161 18.42 -2.08 40.08
C ASN D 161 17.81 -2.59 38.79
N PRO D 162 18.12 -3.83 38.39
CA PRO D 162 17.64 -4.31 37.09
C PRO D 162 16.13 -4.30 36.97
N ASP D 163 15.42 -4.27 38.09
CA ASP D 163 13.96 -4.32 38.07
C ASP D 163 13.29 -2.94 38.04
N TYR D 164 14.05 -1.86 37.84
CA TYR D 164 13.41 -0.57 37.61
C TYR D 164 12.83 -0.53 36.20
N GLU D 165 11.56 -0.16 36.11
CA GLU D 165 10.90 -0.03 34.81
C GLU D 165 10.58 1.40 34.43
N PHE D 166 10.16 2.24 35.37
CA PHE D 166 9.88 3.64 35.08
C PHE D 166 10.51 4.55 36.14
N SER D 167 10.90 5.74 35.69
CA SER D 167 11.32 6.83 36.56
C SER D 167 10.43 8.04 36.35
N VAL D 168 10.07 8.68 37.47
CA VAL D 168 9.26 9.89 37.50
C VAL D 168 10.11 11.00 38.11
N VAL D 169 10.18 12.16 37.43
CA VAL D 169 11.00 13.28 37.89
C VAL D 169 10.15 14.54 37.95
N ILE D 170 10.03 15.11 39.16
CA ILE D 170 9.33 16.37 39.41
C ILE D 170 10.35 17.51 39.46
N GLN D 171 10.24 18.47 38.54
CA GLN D 171 11.16 19.60 38.56
C GLN D 171 10.67 20.64 39.57
N LEU D 172 11.49 20.92 40.59
CA LEU D 172 11.20 21.93 41.61
C LEU D 172 12.16 23.12 41.53
N GLY D 173 12.98 23.20 40.49
CA GLY D 173 13.96 24.26 40.37
C GLY D 173 13.30 25.53 39.94
N ARG D 174 13.59 26.62 40.67
CA ARG D 174 13.03 27.92 40.32
C ARG D 174 13.36 28.29 38.87
N ALA D 175 14.64 28.35 38.54
CA ALA D 175 15.07 28.73 37.19
C ALA D 175 16.54 28.39 37.02
N PHE D 176 16.87 27.88 35.85
CA PHE D 176 18.24 27.48 35.54
C PHE D 176 18.39 27.45 34.02
N ASP D 177 19.63 27.62 33.55
CA ASP D 177 19.97 27.43 32.15
C ASP D 177 20.65 26.09 31.94
N GLY D 178 20.44 25.50 30.76
CA GLY D 178 20.97 24.18 30.53
C GLY D 178 20.17 23.13 31.27
N GLY D 179 20.86 22.06 31.70
CA GLY D 179 20.22 21.01 32.47
C GLY D 179 19.10 20.28 31.76
N GLU D 180 19.21 20.11 30.44
CA GLU D 180 18.20 19.36 29.72
C GLU D 180 18.27 17.87 30.06
N PHE D 181 17.11 17.24 30.13
CA PHE D 181 17.03 15.79 30.30
C PHE D 181 17.01 15.15 28.90
N VAL D 182 18.03 14.36 28.59
CA VAL D 182 18.20 13.83 27.24
C VAL D 182 18.22 12.31 27.34
N VAL D 183 17.30 11.65 26.63
CA VAL D 183 17.23 10.19 26.54
C VAL D 183 17.86 9.76 25.23
N HIS D 184 18.53 8.60 25.23
CA HIS D 184 19.26 8.10 24.07
C HIS D 184 18.79 6.68 23.75
N PRO D 185 17.58 6.53 23.22
CA PRO D 185 17.11 5.20 22.85
C PRO D 185 17.92 4.65 21.70
N GLN D 186 18.18 3.35 21.75
CA GLN D 186 19.01 2.73 20.73
C GLN D 186 18.38 2.91 19.35
N GLY D 187 19.21 3.33 18.39
CA GLY D 187 18.79 3.39 17.01
C GLY D 187 17.84 4.51 16.65
N ARG D 188 17.67 5.50 17.51
CA ARG D 188 16.82 6.67 17.28
C ARG D 188 17.62 7.92 17.62
N PRO D 189 17.17 9.10 17.18
CA PRO D 189 17.84 10.34 17.59
C PRO D 189 17.64 10.59 19.08
N PRO D 190 18.53 11.34 19.71
CA PRO D 190 18.31 11.69 21.11
C PRO D 190 17.01 12.48 21.31
N ASN D 191 16.44 12.35 22.49
CA ASN D 191 15.19 13.03 22.86
C ASN D 191 15.48 14.02 23.96
N VAL D 192 15.25 15.30 23.68
CA VAL D 192 15.67 16.40 24.55
C VAL D 192 14.44 17.00 25.24
N PHE D 193 14.49 17.08 26.57
CA PHE D 193 13.42 17.60 27.42
C PHE D 193 13.98 18.72 28.29
N ALA D 194 13.40 19.91 28.17
CA ALA D 194 13.86 21.04 28.98
C ALA D 194 12.80 21.33 30.04
N PRO D 195 12.94 20.82 31.26
CA PRO D 195 11.85 20.88 32.24
C PRO D 195 11.76 22.24 32.90
N ALA D 196 10.54 22.76 32.99
CA ALA D 196 10.22 23.94 33.79
C ALA D 196 9.67 23.52 35.15
N TYR D 197 9.56 24.49 36.06
CA TYR D 197 9.00 24.23 37.38
C TYR D 197 7.64 23.55 37.28
N GLY D 198 7.44 22.52 38.08
CA GLY D 198 6.15 21.84 38.14
C GLY D 198 5.90 20.81 37.06
N THR D 199 6.80 20.67 36.09
CA THR D 199 6.65 19.62 35.10
C THR D 199 7.04 18.28 35.69
N VAL D 200 6.50 17.23 35.10
CA VAL D 200 6.82 15.87 35.52
C VAL D 200 7.26 15.09 34.28
N ILE D 201 8.45 14.50 34.34
CA ILE D 201 8.95 13.62 33.28
C ILE D 201 8.79 12.19 33.75
N VAL D 202 8.15 11.37 32.91
CA VAL D 202 8.10 9.92 33.10
C VAL D 202 8.88 9.28 31.98
N THR D 203 9.84 8.45 32.34
CA THR D 203 10.67 7.80 31.34
C THR D 203 10.85 6.34 31.68
N SER D 204 11.11 5.53 30.66
CA SER D 204 11.38 4.12 30.86
C SER D 204 12.87 3.90 31.13
N CYS D 205 13.18 3.07 32.11
CA CYS D 205 14.56 2.89 32.52
C CYS D 205 15.34 1.98 31.58
N ALA D 206 14.71 1.50 30.52
CA ALA D 206 15.42 0.69 29.55
C ALA D 206 16.29 1.53 28.61
N HIS D 207 16.13 2.85 28.60
CA HIS D 207 16.93 3.68 27.72
C HIS D 207 17.96 4.42 28.55
N ARG D 208 19.17 4.55 28.01
CA ARG D 208 20.18 5.37 28.67
C ARG D 208 19.81 6.85 28.51
N HIS D 209 20.21 7.64 29.50
CA HIS D 209 19.85 9.06 29.51
C HIS D 209 20.92 9.84 30.28
N GLU D 210 20.73 11.16 30.33
CA GLU D 210 21.72 12.04 30.93
C GLU D 210 21.05 13.37 31.28
N VAL D 211 21.73 14.15 32.10
CA VAL D 211 21.34 15.53 32.35
C VAL D 211 22.49 16.40 31.91
N ARG D 212 22.26 17.20 30.88
CA ARG D 212 23.34 18.00 30.33
C ARG D 212 23.71 19.13 31.29
N THR D 213 24.83 19.77 30.99
CA THR D 213 25.46 20.74 31.88
C THR D 213 24.49 21.83 32.32
N VAL D 214 24.43 22.07 33.63
CA VAL D 214 23.73 23.23 34.17
C VAL D 214 24.61 24.46 33.93
N ARG D 215 24.05 25.46 33.26
CA ARG D 215 24.82 26.63 32.85
C ARG D 215 24.70 27.80 33.83
N ALA D 216 23.70 27.81 34.69
CA ALA D 216 23.54 28.87 35.67
C ALA D 216 22.51 28.46 36.69
N ASN D 217 22.63 29.02 37.89
CA ASN D 217 21.66 28.87 38.98
C ASN D 217 21.64 27.38 39.37
N GLU D 218 20.51 26.88 39.88
CA GLU D 218 20.47 25.52 40.40
C GLU D 218 19.27 24.76 39.85
N ARG D 219 19.48 23.49 39.58
CA ARG D 219 18.44 22.59 39.09
C ARG D 219 18.09 21.61 40.20
N THR D 220 16.81 21.60 40.59
CA THR D 220 16.37 20.78 41.71
C THR D 220 15.26 19.86 41.23
N SER D 221 15.43 18.56 41.43
CA SER D 221 14.42 17.63 40.95
C SER D 221 14.22 16.50 41.94
N LEU D 222 12.97 16.06 42.05
CA LEU D 222 12.61 14.92 42.88
C LEU D 222 12.47 13.71 41.96
N VAL D 223 13.38 12.74 42.12
CA VAL D 223 13.44 11.55 41.29
C VAL D 223 13.01 10.35 42.12
N TYR D 224 12.11 9.55 41.57
CA TYR D 224 11.75 8.28 42.20
C TYR D 224 11.51 7.21 41.13
N PHE D 225 11.60 5.93 41.55
CA PHE D 225 11.66 4.79 40.63
C PHE D 225 10.59 3.75 40.97
N TYR D 226 9.95 3.24 39.93
CA TYR D 226 8.85 2.29 40.05
C TYR D 226 9.28 0.92 39.56
N SER D 227 8.80 -0.12 40.24
CA SER D 227 9.06 -1.49 39.81
C SER D 227 7.80 -2.33 40.03
N ARG D 228 7.73 -3.42 39.28
CA ARG D 228 6.76 -4.46 39.58
C ARG D 228 7.22 -5.34 40.75
N HIS D 229 8.46 -5.21 41.18
CA HIS D 229 9.05 -6.05 42.22
C HIS D 229 9.15 -5.26 43.52
N ASN D 230 8.84 -5.89 44.64
CA ASN D 230 8.88 -5.23 45.94
C ASN D 230 9.79 -5.89 46.96
N GLY D 231 10.34 -7.07 46.68
CA GLY D 231 11.26 -7.71 47.60
C GLY D 231 12.62 -7.04 47.67
N ALA D 232 13.68 -7.80 47.84
CA ALA D 232 15.02 -7.22 47.91
C ALA D 232 15.56 -6.93 46.51
N ASN D 233 16.41 -5.90 46.43
CA ASN D 233 17.04 -5.55 45.17
C ASN D 233 17.83 -6.73 44.63
N ARG D 234 17.52 -7.16 43.42
CA ARG D 234 18.16 -8.34 42.84
C ARG D 234 19.56 -8.06 42.31
N ARG D 235 20.15 -6.90 42.62
CA ARG D 235 21.53 -6.62 42.25
C ARG D 235 22.47 -7.12 43.35
N ALA D 236 23.74 -7.28 42.99
CA ALA D 236 24.74 -7.81 43.92
C ALA D 236 25.40 -6.71 44.74
#